data_1HLA
# 
_entry.id   1HLA 
# 
_audit_conform.dict_name       mmcif_pdbx.dic 
_audit_conform.dict_version    5.386 
_audit_conform.dict_location   http://mmcif.pdb.org/dictionaries/ascii/mmcif_pdbx.dic 
# 
loop_
_database_2.database_id 
_database_2.database_code 
_database_2.pdbx_database_accession 
_database_2.pdbx_DOI 
PDB   1HLA         pdb_00001hla 10.2210/pdb1hla/pdb 
WWPDB D_1000173891 ?            ?                   
# 
loop_
_pdbx_audit_revision_history.ordinal 
_pdbx_audit_revision_history.data_content_type 
_pdbx_audit_revision_history.major_revision 
_pdbx_audit_revision_history.minor_revision 
_pdbx_audit_revision_history.revision_date 
1 'Structure model' 1 0 1988-01-16 
2 'Structure model' 1 1 2008-03-24 
3 'Structure model' 1 2 2011-07-13 
4 'Structure model' 1 3 2024-02-07 
# 
_pdbx_audit_revision_details.ordinal             1 
_pdbx_audit_revision_details.revision_ordinal    1 
_pdbx_audit_revision_details.data_content_type   'Structure model' 
_pdbx_audit_revision_details.provider            repository 
_pdbx_audit_revision_details.type                'Initial release' 
_pdbx_audit_revision_details.description         ? 
_pdbx_audit_revision_details.details             ? 
# 
loop_
_pdbx_audit_revision_group.ordinal 
_pdbx_audit_revision_group.revision_ordinal 
_pdbx_audit_revision_group.data_content_type 
_pdbx_audit_revision_group.group 
1 2 'Structure model' 'Version format compliance' 
2 3 'Structure model' 'Version format compliance' 
3 4 'Structure model' 'Data collection'           
4 4 'Structure model' 'Database references'       
5 4 'Structure model' Other                       
# 
loop_
_pdbx_audit_revision_category.ordinal 
_pdbx_audit_revision_category.revision_ordinal 
_pdbx_audit_revision_category.data_content_type 
_pdbx_audit_revision_category.category 
1 4 'Structure model' chem_comp_atom       
2 4 'Structure model' chem_comp_bond       
3 4 'Structure model' database_2           
4 4 'Structure model' pdbx_database_status 
# 
loop_
_pdbx_audit_revision_item.ordinal 
_pdbx_audit_revision_item.revision_ordinal 
_pdbx_audit_revision_item.data_content_type 
_pdbx_audit_revision_item.item 
1 4 'Structure model' '_database_2.pdbx_DOI'                
2 4 'Structure model' '_database_2.pdbx_database_accession' 
3 4 'Structure model' '_pdbx_database_status.process_site'  
# 
_pdbx_database_status.status_code                     REL 
_pdbx_database_status.entry_id                        1HLA 
_pdbx_database_status.recvd_initial_deposition_date   1987-10-15 
_pdbx_database_status.deposit_site                    ? 
_pdbx_database_status.process_site                    BNL 
_pdbx_database_status.SG_entry                        . 
_pdbx_database_status.pdb_format_compatible           Y 
_pdbx_database_status.status_code_mr                  ? 
_pdbx_database_status.status_code_sf                  ? 
_pdbx_database_status.status_code_cs                  ? 
_pdbx_database_status.status_code_nmr_data            ? 
_pdbx_database_status.methods_development_category    ? 
# 
_pdbx_database_related.db_name        PDB 
_pdbx_database_related.db_id          3HLA 
_pdbx_database_related.details        'FULL COORDINATES FOR HLA-A2 IN SPACE GROUP P 21' 
_pdbx_database_related.content_type   unspecified 
# 
loop_
_audit_author.name 
_audit_author.pdbx_ordinal 
'Bjorkman, P.J.'   1 
'Saper, M.A.'      2 
'Samraoui, B.'     3 
'Bennett, W.S.'    4 
'Strominger, J.L.' 5 
'Wiley, D.C.'      6 
# 
loop_
_citation.id 
_citation.title 
_citation.journal_abbrev 
_citation.journal_volume 
_citation.page_first 
_citation.page_last 
_citation.year 
_citation.journal_id_ASTM 
_citation.country 
_citation.journal_id_ISSN 
_citation.journal_id_CSD 
_citation.book_publisher 
_citation.pdbx_database_id_PubMed 
_citation.pdbx_database_id_DOI 
primary 'Structure of the human class I histocompatibility antigen, HLA-A2.' Nature      329 506 512 1987 NATUAS UK 0028-0836 0006 
? 3309677 10.1038/329506a0 
1       'The Foreign Antigen Binding Site and T Cell Recognition Regions of Class I Histocompatibility Antigens' Nature      329 
512 ?   1987 NATUAS UK 0028-0836 0006 ? ?       ?                
2       
'Crystallization and X-Ray Diffraction Studies on the Histocompatibility Antigens Hla-A2 and Hla-A28 from Human Cell Membranes' 
J.Mol.Biol. 186 205 ?   1985 JMOBAK UK 0022-2836 0070 ? ?       ?                
# 
loop_
_citation_author.citation_id 
_citation_author.name 
_citation_author.ordinal 
_citation_author.identifier_ORCID 
primary 'Bjorkman, P.J.'   1  ? 
primary 'Saper, M.A.'      2  ? 
primary 'Samraoui, B.'     3  ? 
primary 'Bennett, W.S.'    4  ? 
primary 'Strominger, J.L.' 5  ? 
primary 'Wiley, D.C.'      6  ? 
1       'Bjorkman, P.J.'   7  ? 
1       'Saper, M.A.'      8  ? 
1       'Samraoui, B.'     9  ? 
1       'Bennett, W.S.'    10 ? 
1       'Strominger, J.L.' 11 ? 
1       'Wiley, D.C.'      12 ? 
2       'Bjorkman, P.J.'   13 ? 
2       'Strominger, J.L.' 14 ? 
2       'Wiley, D.C.'      15 ? 
# 
loop_
_entity.id 
_entity.type 
_entity.src_method 
_entity.pdbx_description 
_entity.formula_weight 
_entity.pdbx_number_of_molecules 
_entity.pdbx_ec 
_entity.pdbx_mutation 
_entity.pdbx_fragment 
_entity.details 
1 polymer man 'CLASS I HISTOCOMPATIBILITY ANTIGEN (HLA-A2) (ALPHA CHAIN)' 31167.424 1 ? ? ? ? 
2 polymer man 'BETA 2-MICROGLOBULIN'                                      11501.877 1 ? ? ? ? 
# 
loop_
_entity_poly.entity_id 
_entity_poly.type 
_entity_poly.nstd_linkage 
_entity_poly.nstd_monomer 
_entity_poly.pdbx_seq_one_letter_code 
_entity_poly.pdbx_seq_one_letter_code_can 
_entity_poly.pdbx_strand_id 
_entity_poly.pdbx_target_identifier 
1 'polypeptide(L)' no no 
;GSHSMRYFFTSVSRPGRGEPRFIAVGYVDDTQFVRFDSDAASQRMEPRAPWIEQEGPEYWDGETRKVKAHSQTHRVDLGT
LRGYYNQSEAGSHTVQRMYGCDVGSDWRFLRGYHQYAYDGKDYIALKEDLRSWTAADMAAQTTKHKWEAAHVAEQLRAYL
EGTCVEWLRRYLENGKETLQRTDAPKTHMTHHAVSDHEATLRCWALSFYPAEITLTWQRDGEDQTQDTELVETRPAGDGT
FQKWAAVVVPSGQEQRYTCHVQHEGLPKPL
;
;GSHSMRYFFTSVSRPGRGEPRFIAVGYVDDTQFVRFDSDAASQRMEPRAPWIEQEGPEYWDGETRKVKAHSQTHRVDLGT
LRGYYNQSEAGSHTVQRMYGCDVGSDWRFLRGYHQYAYDGKDYIALKEDLRSWTAADMAAQTTKHKWEAAHVAEQLRAYL
EGTCVEWLRRYLENGKETLQRTDAPKTHMTHHAVSDHEATLRCWALSFYPAEITLTWQRDGEDQTQDTELVETRPAGDGT
FQKWAAVVVPSGQEQRYTCHVQHEGLPKPL
;
A ? 
2 'polypeptide(L)' no no 
;IQRTPKIQVYSRHPAENGKSNFLNCYVSGFHPSDIEVDLLKNGERIEKVEHSDLSFSKDWSFYLLYYTEFTPTEKDEYAC
RVNHVTLSQPKIVKWDR
;
;IQRTPKIQVYSRHPAENGKSNFLNCYVSGFHPSDIEVDLLKNGERIEKVEHSDLSFSKDWSFYLLYYTEFTPTEKDEYAC
RVNHVTLSQPKIVKWDR
;
M ? 
# 
loop_
_entity_poly_seq.entity_id 
_entity_poly_seq.num 
_entity_poly_seq.mon_id 
_entity_poly_seq.hetero 
1 1   GLY n 
1 2   SER n 
1 3   HIS n 
1 4   SER n 
1 5   MET n 
1 6   ARG n 
1 7   TYR n 
1 8   PHE n 
1 9   PHE n 
1 10  THR n 
1 11  SER n 
1 12  VAL n 
1 13  SER n 
1 14  ARG n 
1 15  PRO n 
1 16  GLY n 
1 17  ARG n 
1 18  GLY n 
1 19  GLU n 
1 20  PRO n 
1 21  ARG n 
1 22  PHE n 
1 23  ILE n 
1 24  ALA n 
1 25  VAL n 
1 26  GLY n 
1 27  TYR n 
1 28  VAL n 
1 29  ASP n 
1 30  ASP n 
1 31  THR n 
1 32  GLN n 
1 33  PHE n 
1 34  VAL n 
1 35  ARG n 
1 36  PHE n 
1 37  ASP n 
1 38  SER n 
1 39  ASP n 
1 40  ALA n 
1 41  ALA n 
1 42  SER n 
1 43  GLN n 
1 44  ARG n 
1 45  MET n 
1 46  GLU n 
1 47  PRO n 
1 48  ARG n 
1 49  ALA n 
1 50  PRO n 
1 51  TRP n 
1 52  ILE n 
1 53  GLU n 
1 54  GLN n 
1 55  GLU n 
1 56  GLY n 
1 57  PRO n 
1 58  GLU n 
1 59  TYR n 
1 60  TRP n 
1 61  ASP n 
1 62  GLY n 
1 63  GLU n 
1 64  THR n 
1 65  ARG n 
1 66  LYS n 
1 67  VAL n 
1 68  LYS n 
1 69  ALA n 
1 70  HIS n 
1 71  SER n 
1 72  GLN n 
1 73  THR n 
1 74  HIS n 
1 75  ARG n 
1 76  VAL n 
1 77  ASP n 
1 78  LEU n 
1 79  GLY n 
1 80  THR n 
1 81  LEU n 
1 82  ARG n 
1 83  GLY n 
1 84  TYR n 
1 85  TYR n 
1 86  ASN n 
1 87  GLN n 
1 88  SER n 
1 89  GLU n 
1 90  ALA n 
1 91  GLY n 
1 92  SER n 
1 93  HIS n 
1 94  THR n 
1 95  VAL n 
1 96  GLN n 
1 97  ARG n 
1 98  MET n 
1 99  TYR n 
1 100 GLY n 
1 101 CYS n 
1 102 ASP n 
1 103 VAL n 
1 104 GLY n 
1 105 SER n 
1 106 ASP n 
1 107 TRP n 
1 108 ARG n 
1 109 PHE n 
1 110 LEU n 
1 111 ARG n 
1 112 GLY n 
1 113 TYR n 
1 114 HIS n 
1 115 GLN n 
1 116 TYR n 
1 117 ALA n 
1 118 TYR n 
1 119 ASP n 
1 120 GLY n 
1 121 LYS n 
1 122 ASP n 
1 123 TYR n 
1 124 ILE n 
1 125 ALA n 
1 126 LEU n 
1 127 LYS n 
1 128 GLU n 
1 129 ASP n 
1 130 LEU n 
1 131 ARG n 
1 132 SER n 
1 133 TRP n 
1 134 THR n 
1 135 ALA n 
1 136 ALA n 
1 137 ASP n 
1 138 MET n 
1 139 ALA n 
1 140 ALA n 
1 141 GLN n 
1 142 THR n 
1 143 THR n 
1 144 LYS n 
1 145 HIS n 
1 146 LYS n 
1 147 TRP n 
1 148 GLU n 
1 149 ALA n 
1 150 ALA n 
1 151 HIS n 
1 152 VAL n 
1 153 ALA n 
1 154 GLU n 
1 155 GLN n 
1 156 LEU n 
1 157 ARG n 
1 158 ALA n 
1 159 TYR n 
1 160 LEU n 
1 161 GLU n 
1 162 GLY n 
1 163 THR n 
1 164 CYS n 
1 165 VAL n 
1 166 GLU n 
1 167 TRP n 
1 168 LEU n 
1 169 ARG n 
1 170 ARG n 
1 171 TYR n 
1 172 LEU n 
1 173 GLU n 
1 174 ASN n 
1 175 GLY n 
1 176 LYS n 
1 177 GLU n 
1 178 THR n 
1 179 LEU n 
1 180 GLN n 
1 181 ARG n 
1 182 THR n 
1 183 ASP n 
1 184 ALA n 
1 185 PRO n 
1 186 LYS n 
1 187 THR n 
1 188 HIS n 
1 189 MET n 
1 190 THR n 
1 191 HIS n 
1 192 HIS n 
1 193 ALA n 
1 194 VAL n 
1 195 SER n 
1 196 ASP n 
1 197 HIS n 
1 198 GLU n 
1 199 ALA n 
1 200 THR n 
1 201 LEU n 
1 202 ARG n 
1 203 CYS n 
1 204 TRP n 
1 205 ALA n 
1 206 LEU n 
1 207 SER n 
1 208 PHE n 
1 209 TYR n 
1 210 PRO n 
1 211 ALA n 
1 212 GLU n 
1 213 ILE n 
1 214 THR n 
1 215 LEU n 
1 216 THR n 
1 217 TRP n 
1 218 GLN n 
1 219 ARG n 
1 220 ASP n 
1 221 GLY n 
1 222 GLU n 
1 223 ASP n 
1 224 GLN n 
1 225 THR n 
1 226 GLN n 
1 227 ASP n 
1 228 THR n 
1 229 GLU n 
1 230 LEU n 
1 231 VAL n 
1 232 GLU n 
1 233 THR n 
1 234 ARG n 
1 235 PRO n 
1 236 ALA n 
1 237 GLY n 
1 238 ASP n 
1 239 GLY n 
1 240 THR n 
1 241 PHE n 
1 242 GLN n 
1 243 LYS n 
1 244 TRP n 
1 245 ALA n 
1 246 ALA n 
1 247 VAL n 
1 248 VAL n 
1 249 VAL n 
1 250 PRO n 
1 251 SER n 
1 252 GLY n 
1 253 GLN n 
1 254 GLU n 
1 255 GLN n 
1 256 ARG n 
1 257 TYR n 
1 258 THR n 
1 259 CYS n 
1 260 HIS n 
1 261 VAL n 
1 262 GLN n 
1 263 HIS n 
1 264 GLU n 
1 265 GLY n 
1 266 LEU n 
1 267 PRO n 
1 268 LYS n 
1 269 PRO n 
1 270 LEU n 
2 1   ILE n 
2 2   GLN n 
2 3   ARG n 
2 4   THR n 
2 5   PRO n 
2 6   LYS n 
2 7   ILE n 
2 8   GLN n 
2 9   VAL n 
2 10  TYR n 
2 11  SER n 
2 12  ARG n 
2 13  HIS n 
2 14  PRO n 
2 15  ALA n 
2 16  GLU n 
2 17  ASN n 
2 18  GLY n 
2 19  LYS n 
2 20  SER n 
2 21  ASN n 
2 22  PHE n 
2 23  LEU n 
2 24  ASN n 
2 25  CYS n 
2 26  TYR n 
2 27  VAL n 
2 28  SER n 
2 29  GLY n 
2 30  PHE n 
2 31  HIS n 
2 32  PRO n 
2 33  SER n 
2 34  ASP n 
2 35  ILE n 
2 36  GLU n 
2 37  VAL n 
2 38  ASP n 
2 39  LEU n 
2 40  LEU n 
2 41  LYS n 
2 42  ASN n 
2 43  GLY n 
2 44  GLU n 
2 45  ARG n 
2 46  ILE n 
2 47  GLU n 
2 48  LYS n 
2 49  VAL n 
2 50  GLU n 
2 51  HIS n 
2 52  SER n 
2 53  ASP n 
2 54  LEU n 
2 55  SER n 
2 56  PHE n 
2 57  SER n 
2 58  LYS n 
2 59  ASP n 
2 60  TRP n 
2 61  SER n 
2 62  PHE n 
2 63  TYR n 
2 64  LEU n 
2 65  LEU n 
2 66  TYR n 
2 67  TYR n 
2 68  THR n 
2 69  GLU n 
2 70  PHE n 
2 71  THR n 
2 72  PRO n 
2 73  THR n 
2 74  GLU n 
2 75  LYS n 
2 76  ASP n 
2 77  GLU n 
2 78  TYR n 
2 79  ALA n 
2 80  CYS n 
2 81  ARG n 
2 82  VAL n 
2 83  ASN n 
2 84  HIS n 
2 85  VAL n 
2 86  THR n 
2 87  LEU n 
2 88  SER n 
2 89  GLN n 
2 90  PRO n 
2 91  LYS n 
2 92  ILE n 
2 93  VAL n 
2 94  LYS n 
2 95  TRP n 
2 96  ASP n 
2 97  ARG n 
# 
loop_
_entity_src_gen.entity_id 
_entity_src_gen.pdbx_src_id 
_entity_src_gen.pdbx_alt_source_flag 
_entity_src_gen.pdbx_seq_type 
_entity_src_gen.pdbx_beg_seq_num 
_entity_src_gen.pdbx_end_seq_num 
_entity_src_gen.gene_src_common_name 
_entity_src_gen.gene_src_genus 
_entity_src_gen.pdbx_gene_src_gene 
_entity_src_gen.gene_src_species 
_entity_src_gen.gene_src_strain 
_entity_src_gen.gene_src_tissue 
_entity_src_gen.gene_src_tissue_fraction 
_entity_src_gen.gene_src_details 
_entity_src_gen.pdbx_gene_src_fragment 
_entity_src_gen.pdbx_gene_src_scientific_name 
_entity_src_gen.pdbx_gene_src_ncbi_taxonomy_id 
_entity_src_gen.pdbx_gene_src_variant 
_entity_src_gen.pdbx_gene_src_cell_line 
_entity_src_gen.pdbx_gene_src_atcc 
_entity_src_gen.pdbx_gene_src_organ 
_entity_src_gen.pdbx_gene_src_organelle 
_entity_src_gen.pdbx_gene_src_cell 
_entity_src_gen.pdbx_gene_src_cellular_location 
_entity_src_gen.host_org_common_name 
_entity_src_gen.pdbx_host_org_scientific_name 
_entity_src_gen.pdbx_host_org_ncbi_taxonomy_id 
_entity_src_gen.host_org_genus 
_entity_src_gen.pdbx_host_org_gene 
_entity_src_gen.pdbx_host_org_organ 
_entity_src_gen.host_org_species 
_entity_src_gen.pdbx_host_org_tissue 
_entity_src_gen.pdbx_host_org_tissue_fraction 
_entity_src_gen.pdbx_host_org_strain 
_entity_src_gen.pdbx_host_org_variant 
_entity_src_gen.pdbx_host_org_cell_line 
_entity_src_gen.pdbx_host_org_atcc 
_entity_src_gen.pdbx_host_org_culture_collection 
_entity_src_gen.pdbx_host_org_cell 
_entity_src_gen.pdbx_host_org_organelle 
_entity_src_gen.pdbx_host_org_cellular_location 
_entity_src_gen.pdbx_host_org_vector_type 
_entity_src_gen.pdbx_host_org_vector 
_entity_src_gen.host_org_details 
_entity_src_gen.expression_system_id 
_entity_src_gen.plasmid_name 
_entity_src_gen.plasmid_details 
_entity_src_gen.pdbx_description 
1 1 sample ? ? ? human Homo ? ? ? ? ? ? ? 'Homo sapiens' 9606 ? ? ? ? ? ? ? ? ? ? ? ? ? ? ? ? ? ? ? ? ? ? ? ? ? ? ? ? ? ? ? 
2 1 sample ? ? ? human Homo ? ? ? ? ? ? ? 'Homo sapiens' 9606 ? ? ? ? ? ? ? ? ? ? ? ? ? ? ? ? ? ? ? ? ? ? ? ? ? ? ? ? ? ? ? 
# 
loop_
_chem_comp.id 
_chem_comp.type 
_chem_comp.mon_nstd_flag 
_chem_comp.name 
_chem_comp.pdbx_synonyms 
_chem_comp.formula 
_chem_comp.formula_weight 
ALA 'L-peptide linking' y ALANINE         ? 'C3 H7 N O2'     89.093  
ARG 'L-peptide linking' y ARGININE        ? 'C6 H15 N4 O2 1' 175.209 
ASN 'L-peptide linking' y ASPARAGINE      ? 'C4 H8 N2 O3'    132.118 
ASP 'L-peptide linking' y 'ASPARTIC ACID' ? 'C4 H7 N O4'     133.103 
CYS 'L-peptide linking' y CYSTEINE        ? 'C3 H7 N O2 S'   121.158 
GLN 'L-peptide linking' y GLUTAMINE       ? 'C5 H10 N2 O3'   146.144 
GLU 'L-peptide linking' y 'GLUTAMIC ACID' ? 'C5 H9 N O4'     147.129 
GLY 'peptide linking'   y GLYCINE         ? 'C2 H5 N O2'     75.067  
HIS 'L-peptide linking' y HISTIDINE       ? 'C6 H10 N3 O2 1' 156.162 
ILE 'L-peptide linking' y ISOLEUCINE      ? 'C6 H13 N O2'    131.173 
LEU 'L-peptide linking' y LEUCINE         ? 'C6 H13 N O2'    131.173 
LYS 'L-peptide linking' y LYSINE          ? 'C6 H15 N2 O2 1' 147.195 
MET 'L-peptide linking' y METHIONINE      ? 'C5 H11 N O2 S'  149.211 
PHE 'L-peptide linking' y PHENYLALANINE   ? 'C9 H11 N O2'    165.189 
PRO 'L-peptide linking' y PROLINE         ? 'C5 H9 N O2'     115.130 
SER 'L-peptide linking' y SERINE          ? 'C3 H7 N O3'     105.093 
THR 'L-peptide linking' y THREONINE       ? 'C4 H9 N O3'     119.119 
TRP 'L-peptide linking' y TRYPTOPHAN      ? 'C11 H12 N2 O2'  204.225 
TYR 'L-peptide linking' y TYROSINE        ? 'C9 H11 N O3'    181.189 
VAL 'L-peptide linking' y VALINE          ? 'C5 H11 N O2'    117.146 
# 
loop_
_pdbx_poly_seq_scheme.asym_id 
_pdbx_poly_seq_scheme.entity_id 
_pdbx_poly_seq_scheme.seq_id 
_pdbx_poly_seq_scheme.mon_id 
_pdbx_poly_seq_scheme.ndb_seq_num 
_pdbx_poly_seq_scheme.pdb_seq_num 
_pdbx_poly_seq_scheme.auth_seq_num 
_pdbx_poly_seq_scheme.pdb_mon_id 
_pdbx_poly_seq_scheme.auth_mon_id 
_pdbx_poly_seq_scheme.pdb_strand_id 
_pdbx_poly_seq_scheme.pdb_ins_code 
_pdbx_poly_seq_scheme.hetero 
A 1 1   GLY 1   1   1   GLY GLY A . n 
A 1 2   SER 2   2   2   SER SER A . n 
A 1 3   HIS 3   3   3   HIS HIS A . n 
A 1 4   SER 4   4   4   SER SER A . n 
A 1 5   MET 5   5   5   MET MET A . n 
A 1 6   ARG 6   6   6   ARG ARG A . n 
A 1 7   TYR 7   7   7   TYR TYR A . n 
A 1 8   PHE 8   8   8   PHE PHE A . n 
A 1 9   PHE 9   9   9   PHE PHE A . n 
A 1 10  THR 10  10  10  THR THR A . n 
A 1 11  SER 11  11  11  SER SER A . n 
A 1 12  VAL 12  12  12  VAL VAL A . n 
A 1 13  SER 13  13  13  SER SER A . n 
A 1 14  ARG 14  14  14  ARG ARG A . n 
A 1 15  PRO 15  15  15  PRO PRO A . n 
A 1 16  GLY 16  16  16  GLY GLY A . n 
A 1 17  ARG 17  17  17  ARG ARG A . n 
A 1 18  GLY 18  18  18  GLY GLY A . n 
A 1 19  GLU 19  19  19  GLU GLU A . n 
A 1 20  PRO 20  20  20  PRO PRO A . n 
A 1 21  ARG 21  21  21  ARG ARG A . n 
A 1 22  PHE 22  22  22  PHE PHE A . n 
A 1 23  ILE 23  23  23  ILE ILE A . n 
A 1 24  ALA 24  24  24  ALA ALA A . n 
A 1 25  VAL 25  25  25  VAL VAL A . n 
A 1 26  GLY 26  26  26  GLY GLY A . n 
A 1 27  TYR 27  27  27  TYR TYR A . n 
A 1 28  VAL 28  28  28  VAL VAL A . n 
A 1 29  ASP 29  29  29  ASP ASP A . n 
A 1 30  ASP 30  30  30  ASP ASP A . n 
A 1 31  THR 31  31  31  THR THR A . n 
A 1 32  GLN 32  32  32  GLN GLN A . n 
A 1 33  PHE 33  33  33  PHE PHE A . n 
A 1 34  VAL 34  34  34  VAL VAL A . n 
A 1 35  ARG 35  35  35  ARG ARG A . n 
A 1 36  PHE 36  36  36  PHE PHE A . n 
A 1 37  ASP 37  37  37  ASP ASP A . n 
A 1 38  SER 38  38  38  SER SER A . n 
A 1 39  ASP 39  39  39  ASP ASP A . n 
A 1 40  ALA 40  40  40  ALA ALA A . n 
A 1 41  ALA 41  41  41  ALA ALA A . n 
A 1 42  SER 42  42  42  SER SER A . n 
A 1 43  GLN 43  43  43  GLN GLN A . n 
A 1 44  ARG 44  44  44  ARG ARG A . n 
A 1 45  MET 45  45  45  MET MET A . n 
A 1 46  GLU 46  46  46  GLU GLU A . n 
A 1 47  PRO 47  47  47  PRO PRO A . n 
A 1 48  ARG 48  48  48  ARG ARG A . n 
A 1 49  ALA 49  49  49  ALA ALA A . n 
A 1 50  PRO 50  50  50  PRO PRO A . n 
A 1 51  TRP 51  51  51  TRP TRP A . n 
A 1 52  ILE 52  52  52  ILE ILE A . n 
A 1 53  GLU 53  53  53  GLU GLU A . n 
A 1 54  GLN 54  54  54  GLN GLN A . n 
A 1 55  GLU 55  55  55  GLU GLU A . n 
A 1 56  GLY 56  56  56  GLY GLY A . n 
A 1 57  PRO 57  57  57  PRO PRO A . n 
A 1 58  GLU 58  58  58  GLU GLU A . n 
A 1 59  TYR 59  59  59  TYR TYR A . n 
A 1 60  TRP 60  60  60  TRP TRP A . n 
A 1 61  ASP 61  61  61  ASP ASP A . n 
A 1 62  GLY 62  62  62  GLY GLY A . n 
A 1 63  GLU 63  63  63  GLU GLU A . n 
A 1 64  THR 64  64  64  THR THR A . n 
A 1 65  ARG 65  65  65  ARG ARG A . n 
A 1 66  LYS 66  66  66  LYS LYS A . n 
A 1 67  VAL 67  67  67  VAL VAL A . n 
A 1 68  LYS 68  68  68  LYS LYS A . n 
A 1 69  ALA 69  69  69  ALA ALA A . n 
A 1 70  HIS 70  70  70  HIS HIS A . n 
A 1 71  SER 71  71  71  SER SER A . n 
A 1 72  GLN 72  72  72  GLN GLN A . n 
A 1 73  THR 73  73  73  THR THR A . n 
A 1 74  HIS 74  74  74  HIS HIS A . n 
A 1 75  ARG 75  75  75  ARG ARG A . n 
A 1 76  VAL 76  76  76  VAL VAL A . n 
A 1 77  ASP 77  77  77  ASP ASP A . n 
A 1 78  LEU 78  78  78  LEU LEU A . n 
A 1 79  GLY 79  79  79  GLY GLY A . n 
A 1 80  THR 80  80  80  THR THR A . n 
A 1 81  LEU 81  81  81  LEU LEU A . n 
A 1 82  ARG 82  82  82  ARG ARG A . n 
A 1 83  GLY 83  83  83  GLY GLY A . n 
A 1 84  TYR 84  84  84  TYR TYR A . n 
A 1 85  TYR 85  85  85  TYR TYR A . n 
A 1 86  ASN 86  86  86  ASN ASN A . n 
A 1 87  GLN 87  87  87  GLN GLN A . n 
A 1 88  SER 88  88  88  SER SER A . n 
A 1 89  GLU 89  89  89  GLU GLU A . n 
A 1 90  ALA 90  90  90  ALA ALA A . n 
A 1 91  GLY 91  91  91  GLY GLY A . n 
A 1 92  SER 92  92  92  SER SER A . n 
A 1 93  HIS 93  93  93  HIS HIS A . n 
A 1 94  THR 94  94  94  THR THR A . n 
A 1 95  VAL 95  95  95  VAL VAL A . n 
A 1 96  GLN 96  96  96  GLN GLN A . n 
A 1 97  ARG 97  97  97  ARG ARG A . n 
A 1 98  MET 98  98  98  MET MET A . n 
A 1 99  TYR 99  99  99  TYR TYR A . n 
A 1 100 GLY 100 100 100 GLY GLY A . n 
A 1 101 CYS 101 101 101 CYS CYS A . n 
A 1 102 ASP 102 102 102 ASP ASP A . n 
A 1 103 VAL 103 103 103 VAL VAL A . n 
A 1 104 GLY 104 104 104 GLY GLY A . n 
A 1 105 SER 105 105 105 SER SER A . n 
A 1 106 ASP 106 106 106 ASP ASP A . n 
A 1 107 TRP 107 107 107 TRP TRP A . n 
A 1 108 ARG 108 108 108 ARG ARG A . n 
A 1 109 PHE 109 109 109 PHE PHE A . n 
A 1 110 LEU 110 110 110 LEU LEU A . n 
A 1 111 ARG 111 111 111 ARG ARG A . n 
A 1 112 GLY 112 112 112 GLY GLY A . n 
A 1 113 TYR 113 113 113 TYR TYR A . n 
A 1 114 HIS 114 114 114 HIS HIS A . n 
A 1 115 GLN 115 115 115 GLN GLN A . n 
A 1 116 TYR 116 116 116 TYR TYR A . n 
A 1 117 ALA 117 117 117 ALA ALA A . n 
A 1 118 TYR 118 118 118 TYR TYR A . n 
A 1 119 ASP 119 119 119 ASP ASP A . n 
A 1 120 GLY 120 120 120 GLY GLY A . n 
A 1 121 LYS 121 121 121 LYS LYS A . n 
A 1 122 ASP 122 122 122 ASP ASP A . n 
A 1 123 TYR 123 123 123 TYR TYR A . n 
A 1 124 ILE 124 124 124 ILE ILE A . n 
A 1 125 ALA 125 125 125 ALA ALA A . n 
A 1 126 LEU 126 126 126 LEU LEU A . n 
A 1 127 LYS 127 127 127 LYS LYS A . n 
A 1 128 GLU 128 128 128 GLU GLU A . n 
A 1 129 ASP 129 129 129 ASP ASP A . n 
A 1 130 LEU 130 130 130 LEU LEU A . n 
A 1 131 ARG 131 131 131 ARG ARG A . n 
A 1 132 SER 132 132 132 SER SER A . n 
A 1 133 TRP 133 133 133 TRP TRP A . n 
A 1 134 THR 134 134 134 THR THR A . n 
A 1 135 ALA 135 135 135 ALA ALA A . n 
A 1 136 ALA 136 136 136 ALA ALA A . n 
A 1 137 ASP 137 137 137 ASP ASP A . n 
A 1 138 MET 138 138 138 MET MET A . n 
A 1 139 ALA 139 139 139 ALA ALA A . n 
A 1 140 ALA 140 140 140 ALA ALA A . n 
A 1 141 GLN 141 141 141 GLN GLN A . n 
A 1 142 THR 142 142 142 THR THR A . n 
A 1 143 THR 143 143 143 THR THR A . n 
A 1 144 LYS 144 144 144 LYS LYS A . n 
A 1 145 HIS 145 145 145 HIS HIS A . n 
A 1 146 LYS 146 146 146 LYS LYS A . n 
A 1 147 TRP 147 147 147 TRP TRP A . n 
A 1 148 GLU 148 148 148 GLU GLU A . n 
A 1 149 ALA 149 149 149 ALA ALA A . n 
A 1 150 ALA 150 150 150 ALA ALA A . n 
A 1 151 HIS 151 151 151 HIS HIS A . n 
A 1 152 VAL 152 152 152 VAL VAL A . n 
A 1 153 ALA 153 153 153 ALA ALA A . n 
A 1 154 GLU 154 154 154 GLU GLU A . n 
A 1 155 GLN 155 155 155 GLN GLN A . n 
A 1 156 LEU 156 156 156 LEU LEU A . n 
A 1 157 ARG 157 157 157 ARG ARG A . n 
A 1 158 ALA 158 158 158 ALA ALA A . n 
A 1 159 TYR 159 159 159 TYR TYR A . n 
A 1 160 LEU 160 160 160 LEU LEU A . n 
A 1 161 GLU 161 161 161 GLU GLU A . n 
A 1 162 GLY 162 162 162 GLY GLY A . n 
A 1 163 THR 163 163 163 THR THR A . n 
A 1 164 CYS 164 164 164 CYS CYS A . n 
A 1 165 VAL 165 165 165 VAL VAL A . n 
A 1 166 GLU 166 166 166 GLU GLU A . n 
A 1 167 TRP 167 167 167 TRP TRP A . n 
A 1 168 LEU 168 168 168 LEU LEU A . n 
A 1 169 ARG 169 169 169 ARG ARG A . n 
A 1 170 ARG 170 170 170 ARG ARG A . n 
A 1 171 TYR 171 171 171 TYR TYR A . n 
A 1 172 LEU 172 172 172 LEU LEU A . n 
A 1 173 GLU 173 173 173 GLU GLU A . n 
A 1 174 ASN 174 174 174 ASN ASN A . n 
A 1 175 GLY 175 175 175 GLY GLY A . n 
A 1 176 LYS 176 176 176 LYS LYS A . n 
A 1 177 GLU 177 177 177 GLU GLU A . n 
A 1 178 THR 178 178 178 THR THR A . n 
A 1 179 LEU 179 179 179 LEU LEU A . n 
A 1 180 GLN 180 180 180 GLN GLN A . n 
A 1 181 ARG 181 181 181 ARG ARG A . n 
A 1 182 THR 182 182 182 THR THR A . n 
A 1 183 ASP 183 183 183 ASP ASP A . n 
A 1 184 ALA 184 184 184 ALA ALA A . n 
A 1 185 PRO 185 185 185 PRO PRO A . n 
A 1 186 LYS 186 186 186 LYS LYS A . n 
A 1 187 THR 187 187 187 THR THR A . n 
A 1 188 HIS 188 188 188 HIS HIS A . n 
A 1 189 MET 189 189 189 MET MET A . n 
A 1 190 THR 190 190 190 THR THR A . n 
A 1 191 HIS 191 191 191 HIS HIS A . n 
A 1 192 HIS 192 192 192 HIS HIS A . n 
A 1 193 ALA 193 193 193 ALA ALA A . n 
A 1 194 VAL 194 194 194 VAL VAL A . n 
A 1 195 SER 195 195 195 SER SER A . n 
A 1 196 ASP 196 196 196 ASP ASP A . n 
A 1 197 HIS 197 197 197 HIS HIS A . n 
A 1 198 GLU 198 198 198 GLU GLU A . n 
A 1 199 ALA 199 199 199 ALA ALA A . n 
A 1 200 THR 200 200 200 THR THR A . n 
A 1 201 LEU 201 201 201 LEU LEU A . n 
A 1 202 ARG 202 202 202 ARG ARG A . n 
A 1 203 CYS 203 203 203 CYS CYS A . n 
A 1 204 TRP 204 204 204 TRP TRP A . n 
A 1 205 ALA 205 205 205 ALA ALA A . n 
A 1 206 LEU 206 206 206 LEU LEU A . n 
A 1 207 SER 207 207 207 SER SER A . n 
A 1 208 PHE 208 208 208 PHE PHE A . n 
A 1 209 TYR 209 209 209 TYR TYR A . n 
A 1 210 PRO 210 210 210 PRO PRO A . n 
A 1 211 ALA 211 211 211 ALA ALA A . n 
A 1 212 GLU 212 212 212 GLU GLU A . n 
A 1 213 ILE 213 213 213 ILE ILE A . n 
A 1 214 THR 214 214 214 THR THR A . n 
A 1 215 LEU 215 215 215 LEU LEU A . n 
A 1 216 THR 216 216 216 THR THR A . n 
A 1 217 TRP 217 217 217 TRP TRP A . n 
A 1 218 GLN 218 218 218 GLN GLN A . n 
A 1 219 ARG 219 219 219 ARG ARG A . n 
A 1 220 ASP 220 220 220 ASP ASP A . n 
A 1 221 GLY 221 221 221 GLY GLY A . n 
A 1 222 GLU 222 222 222 GLU GLU A . n 
A 1 223 ASP 223 223 223 ASP ASP A . n 
A 1 224 GLN 224 224 224 GLN GLN A . n 
A 1 225 THR 225 225 225 THR THR A . n 
A 1 226 GLN 226 226 226 GLN GLN A . n 
A 1 227 ASP 227 227 227 ASP ASP A . n 
A 1 228 THR 228 228 228 THR THR A . n 
A 1 229 GLU 229 229 229 GLU GLU A . n 
A 1 230 LEU 230 230 230 LEU LEU A . n 
A 1 231 VAL 231 231 231 VAL VAL A . n 
A 1 232 GLU 232 232 232 GLU GLU A . n 
A 1 233 THR 233 233 233 THR THR A . n 
A 1 234 ARG 234 234 234 ARG ARG A . n 
A 1 235 PRO 235 235 235 PRO PRO A . n 
A 1 236 ALA 236 236 236 ALA ALA A . n 
A 1 237 GLY 237 237 237 GLY GLY A . n 
A 1 238 ASP 238 238 238 ASP ASP A . n 
A 1 239 GLY 239 239 239 GLY GLY A . n 
A 1 240 THR 240 240 240 THR THR A . n 
A 1 241 PHE 241 241 241 PHE PHE A . n 
A 1 242 GLN 242 242 242 GLN GLN A . n 
A 1 243 LYS 243 243 243 LYS LYS A . n 
A 1 244 TRP 244 244 244 TRP TRP A . n 
A 1 245 ALA 245 245 245 ALA ALA A . n 
A 1 246 ALA 246 246 246 ALA ALA A . n 
A 1 247 VAL 247 247 247 VAL VAL A . n 
A 1 248 VAL 248 248 248 VAL VAL A . n 
A 1 249 VAL 249 249 249 VAL VAL A . n 
A 1 250 PRO 250 250 250 PRO PRO A . n 
A 1 251 SER 251 251 251 SER SER A . n 
A 1 252 GLY 252 252 252 GLY GLY A . n 
A 1 253 GLN 253 253 253 GLN GLN A . n 
A 1 254 GLU 254 254 254 GLU GLU A . n 
A 1 255 GLN 255 255 255 GLN GLN A . n 
A 1 256 ARG 256 256 256 ARG ARG A . n 
A 1 257 TYR 257 257 257 TYR TYR A . n 
A 1 258 THR 258 258 258 THR THR A . n 
A 1 259 CYS 259 259 259 CYS CYS A . n 
A 1 260 HIS 260 260 260 HIS HIS A . n 
A 1 261 VAL 261 261 261 VAL VAL A . n 
A 1 262 GLN 262 262 262 GLN GLN A . n 
A 1 263 HIS 263 263 263 HIS HIS A . n 
A 1 264 GLU 264 264 264 GLU GLU A . n 
A 1 265 GLY 265 265 265 GLY GLY A . n 
A 1 266 LEU 266 266 266 LEU LEU A . n 
A 1 267 PRO 267 267 267 PRO PRO A . n 
A 1 268 LYS 268 268 268 LYS LYS A . n 
A 1 269 PRO 269 269 269 PRO PRO A . n 
A 1 270 LEU 270 270 270 LEU LEU A . n 
B 2 1   ILE 1   1   1   ILE ILE M . n 
B 2 2   GLN 2   2   2   GLN GLN M . n 
B 2 3   ARG 3   3   3   ARG ARG M . n 
B 2 4   THR 4   4   4   THR THR M . n 
B 2 5   PRO 5   5   5   PRO PRO M . n 
B 2 6   LYS 6   6   6   LYS LYS M . n 
B 2 7   ILE 7   7   7   ILE ILE M . n 
B 2 8   GLN 8   8   8   GLN GLN M . n 
B 2 9   VAL 9   9   9   VAL VAL M . n 
B 2 10  TYR 10  10  10  TYR TYR M . n 
B 2 11  SER 11  11  11  SER SER M . n 
B 2 12  ARG 12  12  12  ARG ARG M . n 
B 2 13  HIS 13  13  13  HIS HIS M . n 
B 2 14  PRO 14  14  14  PRO PRO M . n 
B 2 15  ALA 15  15  15  ALA ALA M . n 
B 2 16  GLU 16  16  16  GLU GLU M . n 
B 2 17  ASN 17  17  17  ASN ASN M . n 
B 2 18  GLY 18  18  18  GLY GLY M . n 
B 2 19  LYS 19  19  19  LYS LYS M . n 
B 2 20  SER 20  20  20  SER SER M . n 
B 2 21  ASN 21  21  21  ASN ASN M . n 
B 2 22  PHE 22  22  22  PHE PHE M . n 
B 2 23  LEU 23  23  23  LEU LEU M . n 
B 2 24  ASN 24  24  24  ASN ASN M . n 
B 2 25  CYS 25  25  25  CYS CYS M . n 
B 2 26  TYR 26  26  26  TYR TYR M . n 
B 2 27  VAL 27  27  27  VAL VAL M . n 
B 2 28  SER 28  28  28  SER SER M . n 
B 2 29  GLY 29  29  29  GLY GLY M . n 
B 2 30  PHE 30  30  30  PHE PHE M . n 
B 2 31  HIS 31  31  31  HIS HIS M . n 
B 2 32  PRO 32  32  32  PRO PRO M . n 
B 2 33  SER 33  33  33  SER SER M . n 
B 2 34  ASP 34  34  34  ASP ASP M . n 
B 2 35  ILE 35  35  35  ILE ILE M . n 
B 2 36  GLU 36  36  36  GLU GLU M . n 
B 2 37  VAL 37  37  37  VAL VAL M . n 
B 2 38  ASP 38  38  38  ASP ASP M . n 
B 2 39  LEU 39  39  39  LEU LEU M . n 
B 2 40  LEU 40  40  40  LEU LEU M . n 
B 2 41  LYS 41  41  41  LYS LYS M . n 
B 2 42  ASN 42  42  42  ASN ASN M . n 
B 2 43  GLY 43  43  43  GLY GLY M . n 
B 2 44  GLU 44  44  44  GLU GLU M . n 
B 2 45  ARG 45  45  45  ARG ARG M . n 
B 2 46  ILE 46  46  46  ILE ILE M . n 
B 2 47  GLU 47  47  47  GLU GLU M . n 
B 2 48  LYS 48  48  48  LYS LYS M . n 
B 2 49  VAL 49  49  49  VAL VAL M . n 
B 2 50  GLU 50  50  50  GLU GLU M . n 
B 2 51  HIS 51  51  51  HIS HIS M . n 
B 2 52  SER 52  52  52  SER SER M . n 
B 2 53  ASP 53  53  53  ASP ASP M . n 
B 2 54  LEU 54  54  54  LEU LEU M . n 
B 2 55  SER 55  55  55  SER SER M . n 
B 2 56  PHE 56  56  56  PHE PHE M . n 
B 2 57  SER 57  57  57  SER SER M . n 
B 2 58  LYS 58  58  58  LYS LYS M . n 
B 2 59  ASP 59  59  59  ASP ASP M . n 
B 2 60  TRP 60  60  60  TRP TRP M . n 
B 2 61  SER 61  61  61  SER SER M . n 
B 2 62  PHE 62  62  62  PHE PHE M . n 
B 2 63  TYR 63  63  63  TYR TYR M . n 
B 2 64  LEU 64  64  64  LEU LEU M . n 
B 2 65  LEU 65  65  65  LEU LEU M . n 
B 2 66  TYR 66  66  66  TYR TYR M . n 
B 2 67  TYR 67  67  67  TYR TYR M . n 
B 2 68  THR 68  68  68  THR THR M . n 
B 2 69  GLU 69  69  69  GLU GLU M . n 
B 2 70  PHE 70  70  70  PHE PHE M . n 
B 2 71  THR 71  71  71  THR THR M . n 
B 2 72  PRO 72  72  72  PRO PRO M . n 
B 2 73  THR 73  73  73  THR THR M . n 
B 2 74  GLU 74  74  74  GLU GLU M . n 
B 2 75  LYS 75  75  75  LYS LYS M . n 
B 2 76  ASP 76  76  76  ASP ASP M . n 
B 2 77  GLU 77  77  77  GLU GLU M . n 
B 2 78  TYR 78  78  78  TYR TYR M . n 
B 2 79  ALA 79  79  79  ALA ALA M . n 
B 2 80  CYS 80  80  80  CYS CYS M . n 
B 2 81  ARG 81  81  81  ARG ARG M . n 
B 2 82  VAL 82  82  82  VAL VAL M . n 
B 2 83  ASN 83  83  83  ASN ASN M . n 
B 2 84  HIS 84  84  84  HIS HIS M . n 
B 2 85  VAL 85  85  85  VAL VAL M . n 
B 2 86  THR 86  86  86  THR THR M . n 
B 2 87  LEU 87  87  87  LEU LEU M . n 
B 2 88  SER 88  88  88  SER SER M . n 
B 2 89  GLN 89  89  89  GLN GLN M . n 
B 2 90  PRO 90  90  90  PRO PRO M . n 
B 2 91  LYS 91  91  91  LYS LYS M . n 
B 2 92  ILE 92  92  92  ILE ILE M . n 
B 2 93  VAL 93  93  93  VAL VAL M . n 
B 2 94  LYS 94  94  94  LYS LYS M . n 
B 2 95  TRP 95  95  95  TRP TRP M . n 
B 2 96  ASP 96  96  96  ASP ASP M . n 
B 2 97  ARG 97  97  97  ARG ARG M . n 
# 
_cell.entry_id           1HLA 
_cell.length_a           60.200 
_cell.length_b           80.400 
_cell.length_c           112.200 
_cell.angle_alpha        90.00 
_cell.angle_beta         90.00 
_cell.angle_gamma        90.00 
_cell.Z_PDB              4 
_cell.pdbx_unique_axis   ? 
# 
_symmetry.entry_id                         1HLA 
_symmetry.space_group_name_H-M             'P 21 21 21' 
_symmetry.pdbx_full_space_group_name_H-M   ? 
_symmetry.cell_setting                     ? 
_symmetry.Int_Tables_number                19 
# 
_exptl.entry_id          1HLA 
_exptl.method            'X-RAY DIFFRACTION' 
_exptl.crystals_number   ? 
# 
_exptl_crystal.id                    1 
_exptl_crystal.density_meas          ? 
_exptl_crystal.density_Matthews      3.18 
_exptl_crystal.density_percent_sol   61.33 
_exptl_crystal.description           ? 
# 
_diffrn.id                     1 
_diffrn.crystal_id             1 
_diffrn.ambient_temp           ? 
_diffrn.ambient_temp_details   ? 
# 
_refine.entry_id                                 1HLA 
_refine.ls_number_reflns_obs                     ? 
_refine.ls_number_reflns_all                     ? 
_refine.pdbx_ls_sigma_I                          ? 
_refine.pdbx_ls_sigma_F                          ? 
_refine.pdbx_data_cutoff_high_absF               ? 
_refine.pdbx_data_cutoff_low_absF                ? 
_refine.pdbx_data_cutoff_high_rms_absF           ? 
_refine.ls_d_res_low                             ? 
_refine.ls_d_res_high                            3.5 
_refine.ls_percent_reflns_obs                    ? 
_refine.ls_R_factor_obs                          ? 
_refine.ls_R_factor_all                          ? 
_refine.ls_R_factor_R_work                       ? 
_refine.ls_R_factor_R_free                       ? 
_refine.ls_R_factor_R_free_error                 ? 
_refine.ls_R_factor_R_free_error_details         ? 
_refine.ls_percent_reflns_R_free                 ? 
_refine.ls_number_reflns_R_free                  ? 
_refine.ls_number_parameters                     ? 
_refine.ls_number_restraints                     ? 
_refine.occupancy_min                            ? 
_refine.occupancy_max                            ? 
_refine.B_iso_mean                               ? 
_refine.aniso_B[1][1]                            ? 
_refine.aniso_B[2][2]                            ? 
_refine.aniso_B[3][3]                            ? 
_refine.aniso_B[1][2]                            ? 
_refine.aniso_B[1][3]                            ? 
_refine.aniso_B[2][3]                            ? 
_refine.solvent_model_details                    ? 
_refine.solvent_model_param_ksol                 ? 
_refine.solvent_model_param_bsol                 ? 
_refine.pdbx_ls_cross_valid_method               ? 
_refine.details                                  ? 
_refine.pdbx_starting_model                      ? 
_refine.pdbx_method_to_determine_struct          ? 
_refine.pdbx_isotropic_thermal_model             ? 
_refine.pdbx_stereochemistry_target_values       ? 
_refine.pdbx_stereochem_target_val_spec_case     ? 
_refine.pdbx_R_Free_selection_details            ? 
_refine.pdbx_overall_ESU_R                       ? 
_refine.pdbx_overall_ESU_R_Free                  ? 
_refine.overall_SU_ML                            ? 
_refine.overall_SU_B                             ? 
_refine.pdbx_refine_id                           'X-RAY DIFFRACTION' 
_refine.pdbx_diffrn_id                           1 
_refine.pdbx_TLS_residual_ADP_flag               ? 
_refine.correlation_coeff_Fo_to_Fc               ? 
_refine.correlation_coeff_Fo_to_Fc_free          ? 
_refine.pdbx_solvent_vdw_probe_radii             ? 
_refine.pdbx_solvent_ion_probe_radii             ? 
_refine.pdbx_solvent_shrinkage_radii             ? 
_refine.pdbx_overall_phase_error                 ? 
_refine.overall_SU_R_Cruickshank_DPI             ? 
_refine.pdbx_overall_SU_R_free_Cruickshank_DPI   ? 
_refine.pdbx_overall_SU_R_Blow_DPI               ? 
_refine.pdbx_overall_SU_R_free_Blow_DPI          ? 
# 
_refine_hist.pdbx_refine_id                   'X-RAY DIFFRACTION' 
_refine_hist.cycle_id                         LAST 
_refine_hist.pdbx_number_atoms_protein        367 
_refine_hist.pdbx_number_atoms_nucleic_acid   0 
_refine_hist.pdbx_number_atoms_ligand         0 
_refine_hist.number_atoms_solvent             0 
_refine_hist.number_atoms_total               367 
_refine_hist.d_res_high                       3.5 
_refine_hist.d_res_low                        . 
# 
_struct.entry_id                  1HLA 
_struct.title                     'STRUCTURE OF THE HUMAN CLASS I HISTOCOMPATIBILITY ANTIGEN, HLA-A2' 
_struct.pdbx_model_details        ? 
_struct.pdbx_CASP_flag            ? 
_struct.pdbx_model_type_details   ? 
# 
_struct_keywords.entry_id        1HLA 
_struct_keywords.pdbx_keywords   'HISTOCOMPATIBILITY ANTIGEN' 
_struct_keywords.text            'HISTOCOMPATIBILITY ANTIGEN' 
# 
loop_
_struct_asym.id 
_struct_asym.pdbx_blank_PDB_chainid_flag 
_struct_asym.pdbx_modified 
_struct_asym.entity_id 
_struct_asym.details 
A N N 1 ? 
B N N 2 ? 
# 
loop_
_struct_ref.id 
_struct_ref.db_name 
_struct_ref.db_code 
_struct_ref.entity_id 
_struct_ref.pdbx_db_accession 
_struct_ref.pdbx_align_begin 
_struct_ref.pdbx_seq_one_letter_code 
_struct_ref.pdbx_db_isoform 
1 UNP 1A02_HUMAN 1 P01892 1 
;MAVMAPRTLVLLLSGALALTQTWAGSHSMRYFFTSVSRPGRGEPRFIAVGYVDDTQFVRFDSDAASQRMEPRAPWIEQEG
PEYWDGETRKVKAHSQTHRVDLGTLRGYYNQSEAGSHTVQRMYGCDVGSDWRFLRGYHQYAYDGKDYIALKEDLRSWTAA
DMAAQTTKHKWEAAHVAEQLRAYLEGTCVEWLRRYLENGKETLQRTDAPKTHMTHHAVSDHEATLRCWALSFYPAEITLT
WQRDGEDQTQDTELVETRPAGDGTFQKWAAVVVPSGQEQRYTCHVQHEGLPKPLTLRWEPSSQPTIPIVGIIAGLVLFGA
VITGAVVAAVMWRRKSSDRKGGSYSQAASSDSAQGSDVSLTACKV
;
? 
2 UNP B2MG_HUMAN 2 P61769 1 
;MSRSVALAVLALLSLSGLEAIQRTPKIQVYSRHPAENGKSNFLNCYVSGFHPSDIEVDLLKNGERIEKVEHSDLSFSKDW
SFYLLYYTEFTPTEKDEYACRVNHVTLSQPKIVKWDRDM
;
? 
# 
loop_
_struct_ref_seq.align_id 
_struct_ref_seq.ref_id 
_struct_ref_seq.pdbx_PDB_id_code 
_struct_ref_seq.pdbx_strand_id 
_struct_ref_seq.seq_align_beg 
_struct_ref_seq.pdbx_seq_align_beg_ins_code 
_struct_ref_seq.seq_align_end 
_struct_ref_seq.pdbx_seq_align_end_ins_code 
_struct_ref_seq.pdbx_db_accession 
_struct_ref_seq.db_align_beg 
_struct_ref_seq.pdbx_db_align_beg_ins_code 
_struct_ref_seq.db_align_end 
_struct_ref_seq.pdbx_db_align_end_ins_code 
_struct_ref_seq.pdbx_auth_seq_align_beg 
_struct_ref_seq.pdbx_auth_seq_align_end 
1 1 1HLA A 1 ? 270 ? P01892 25 ? 294 ? 1 270 
2 2 1HLA M 1 ? 97  ? P61769 21 ? 117 ? 1 97  
# 
_pdbx_struct_assembly.id                   1 
_pdbx_struct_assembly.details              author_defined_assembly 
_pdbx_struct_assembly.method_details       ? 
_pdbx_struct_assembly.oligomeric_details   dimeric 
_pdbx_struct_assembly.oligomeric_count     2 
# 
_pdbx_struct_assembly_gen.assembly_id       1 
_pdbx_struct_assembly_gen.oper_expression   1 
_pdbx_struct_assembly_gen.asym_id_list      A,B 
# 
_pdbx_struct_oper_list.id                   1 
_pdbx_struct_oper_list.type                 'identity operation' 
_pdbx_struct_oper_list.name                 1_555 
_pdbx_struct_oper_list.symmetry_operation   x,y,z 
_pdbx_struct_oper_list.matrix[1][1]         1.0000000000 
_pdbx_struct_oper_list.matrix[1][2]         0.0000000000 
_pdbx_struct_oper_list.matrix[1][3]         0.0000000000 
_pdbx_struct_oper_list.vector[1]            0.0000000000 
_pdbx_struct_oper_list.matrix[2][1]         0.0000000000 
_pdbx_struct_oper_list.matrix[2][2]         1.0000000000 
_pdbx_struct_oper_list.matrix[2][3]         0.0000000000 
_pdbx_struct_oper_list.vector[2]            0.0000000000 
_pdbx_struct_oper_list.matrix[3][1]         0.0000000000 
_pdbx_struct_oper_list.matrix[3][2]         0.0000000000 
_pdbx_struct_oper_list.matrix[3][3]         1.0000000000 
_pdbx_struct_oper_list.vector[3]            0.0000000000 
# 
_struct_biol.id   1 
# 
_pdbx_entry_details.entry_id                 1HLA 
_pdbx_entry_details.compound_details         ? 
_pdbx_entry_details.source_details           ? 
_pdbx_entry_details.nonpolymer_details       
;A CARBOHYDRATE MOIETY IS ATTACHED AT RESIDUE ASN A 86 BUT
IT HAS NOT BEEN MODELED.  THUS NO COORDINATES ARE PRESENT
FOR THIS CARBOHYDRATE.
;
_pdbx_entry_details.sequence_details         ? 
_pdbx_entry_details.has_ligand_of_interest   ? 
# 
loop_
_chem_comp_atom.comp_id 
_chem_comp_atom.atom_id 
_chem_comp_atom.type_symbol 
_chem_comp_atom.pdbx_aromatic_flag 
_chem_comp_atom.pdbx_stereo_config 
_chem_comp_atom.pdbx_ordinal 
ALA N    N N N 1   
ALA CA   C N S 2   
ALA C    C N N 3   
ALA O    O N N 4   
ALA CB   C N N 5   
ALA OXT  O N N 6   
ALA H    H N N 7   
ALA H2   H N N 8   
ALA HA   H N N 9   
ALA HB1  H N N 10  
ALA HB2  H N N 11  
ALA HB3  H N N 12  
ALA HXT  H N N 13  
ARG N    N N N 14  
ARG CA   C N S 15  
ARG C    C N N 16  
ARG O    O N N 17  
ARG CB   C N N 18  
ARG CG   C N N 19  
ARG CD   C N N 20  
ARG NE   N N N 21  
ARG CZ   C N N 22  
ARG NH1  N N N 23  
ARG NH2  N N N 24  
ARG OXT  O N N 25  
ARG H    H N N 26  
ARG H2   H N N 27  
ARG HA   H N N 28  
ARG HB2  H N N 29  
ARG HB3  H N N 30  
ARG HG2  H N N 31  
ARG HG3  H N N 32  
ARG HD2  H N N 33  
ARG HD3  H N N 34  
ARG HE   H N N 35  
ARG HH11 H N N 36  
ARG HH12 H N N 37  
ARG HH21 H N N 38  
ARG HH22 H N N 39  
ARG HXT  H N N 40  
ASN N    N N N 41  
ASN CA   C N S 42  
ASN C    C N N 43  
ASN O    O N N 44  
ASN CB   C N N 45  
ASN CG   C N N 46  
ASN OD1  O N N 47  
ASN ND2  N N N 48  
ASN OXT  O N N 49  
ASN H    H N N 50  
ASN H2   H N N 51  
ASN HA   H N N 52  
ASN HB2  H N N 53  
ASN HB3  H N N 54  
ASN HD21 H N N 55  
ASN HD22 H N N 56  
ASN HXT  H N N 57  
ASP N    N N N 58  
ASP CA   C N S 59  
ASP C    C N N 60  
ASP O    O N N 61  
ASP CB   C N N 62  
ASP CG   C N N 63  
ASP OD1  O N N 64  
ASP OD2  O N N 65  
ASP OXT  O N N 66  
ASP H    H N N 67  
ASP H2   H N N 68  
ASP HA   H N N 69  
ASP HB2  H N N 70  
ASP HB3  H N N 71  
ASP HD2  H N N 72  
ASP HXT  H N N 73  
CYS N    N N N 74  
CYS CA   C N R 75  
CYS C    C N N 76  
CYS O    O N N 77  
CYS CB   C N N 78  
CYS SG   S N N 79  
CYS OXT  O N N 80  
CYS H    H N N 81  
CYS H2   H N N 82  
CYS HA   H N N 83  
CYS HB2  H N N 84  
CYS HB3  H N N 85  
CYS HG   H N N 86  
CYS HXT  H N N 87  
GLN N    N N N 88  
GLN CA   C N S 89  
GLN C    C N N 90  
GLN O    O N N 91  
GLN CB   C N N 92  
GLN CG   C N N 93  
GLN CD   C N N 94  
GLN OE1  O N N 95  
GLN NE2  N N N 96  
GLN OXT  O N N 97  
GLN H    H N N 98  
GLN H2   H N N 99  
GLN HA   H N N 100 
GLN HB2  H N N 101 
GLN HB3  H N N 102 
GLN HG2  H N N 103 
GLN HG3  H N N 104 
GLN HE21 H N N 105 
GLN HE22 H N N 106 
GLN HXT  H N N 107 
GLU N    N N N 108 
GLU CA   C N S 109 
GLU C    C N N 110 
GLU O    O N N 111 
GLU CB   C N N 112 
GLU CG   C N N 113 
GLU CD   C N N 114 
GLU OE1  O N N 115 
GLU OE2  O N N 116 
GLU OXT  O N N 117 
GLU H    H N N 118 
GLU H2   H N N 119 
GLU HA   H N N 120 
GLU HB2  H N N 121 
GLU HB3  H N N 122 
GLU HG2  H N N 123 
GLU HG3  H N N 124 
GLU HE2  H N N 125 
GLU HXT  H N N 126 
GLY N    N N N 127 
GLY CA   C N N 128 
GLY C    C N N 129 
GLY O    O N N 130 
GLY OXT  O N N 131 
GLY H    H N N 132 
GLY H2   H N N 133 
GLY HA2  H N N 134 
GLY HA3  H N N 135 
GLY HXT  H N N 136 
HIS N    N N N 137 
HIS CA   C N S 138 
HIS C    C N N 139 
HIS O    O N N 140 
HIS CB   C N N 141 
HIS CG   C Y N 142 
HIS ND1  N Y N 143 
HIS CD2  C Y N 144 
HIS CE1  C Y N 145 
HIS NE2  N Y N 146 
HIS OXT  O N N 147 
HIS H    H N N 148 
HIS H2   H N N 149 
HIS HA   H N N 150 
HIS HB2  H N N 151 
HIS HB3  H N N 152 
HIS HD1  H N N 153 
HIS HD2  H N N 154 
HIS HE1  H N N 155 
HIS HE2  H N N 156 
HIS HXT  H N N 157 
ILE N    N N N 158 
ILE CA   C N S 159 
ILE C    C N N 160 
ILE O    O N N 161 
ILE CB   C N S 162 
ILE CG1  C N N 163 
ILE CG2  C N N 164 
ILE CD1  C N N 165 
ILE OXT  O N N 166 
ILE H    H N N 167 
ILE H2   H N N 168 
ILE HA   H N N 169 
ILE HB   H N N 170 
ILE HG12 H N N 171 
ILE HG13 H N N 172 
ILE HG21 H N N 173 
ILE HG22 H N N 174 
ILE HG23 H N N 175 
ILE HD11 H N N 176 
ILE HD12 H N N 177 
ILE HD13 H N N 178 
ILE HXT  H N N 179 
LEU N    N N N 180 
LEU CA   C N S 181 
LEU C    C N N 182 
LEU O    O N N 183 
LEU CB   C N N 184 
LEU CG   C N N 185 
LEU CD1  C N N 186 
LEU CD2  C N N 187 
LEU OXT  O N N 188 
LEU H    H N N 189 
LEU H2   H N N 190 
LEU HA   H N N 191 
LEU HB2  H N N 192 
LEU HB3  H N N 193 
LEU HG   H N N 194 
LEU HD11 H N N 195 
LEU HD12 H N N 196 
LEU HD13 H N N 197 
LEU HD21 H N N 198 
LEU HD22 H N N 199 
LEU HD23 H N N 200 
LEU HXT  H N N 201 
LYS N    N N N 202 
LYS CA   C N S 203 
LYS C    C N N 204 
LYS O    O N N 205 
LYS CB   C N N 206 
LYS CG   C N N 207 
LYS CD   C N N 208 
LYS CE   C N N 209 
LYS NZ   N N N 210 
LYS OXT  O N N 211 
LYS H    H N N 212 
LYS H2   H N N 213 
LYS HA   H N N 214 
LYS HB2  H N N 215 
LYS HB3  H N N 216 
LYS HG2  H N N 217 
LYS HG3  H N N 218 
LYS HD2  H N N 219 
LYS HD3  H N N 220 
LYS HE2  H N N 221 
LYS HE3  H N N 222 
LYS HZ1  H N N 223 
LYS HZ2  H N N 224 
LYS HZ3  H N N 225 
LYS HXT  H N N 226 
MET N    N N N 227 
MET CA   C N S 228 
MET C    C N N 229 
MET O    O N N 230 
MET CB   C N N 231 
MET CG   C N N 232 
MET SD   S N N 233 
MET CE   C N N 234 
MET OXT  O N N 235 
MET H    H N N 236 
MET H2   H N N 237 
MET HA   H N N 238 
MET HB2  H N N 239 
MET HB3  H N N 240 
MET HG2  H N N 241 
MET HG3  H N N 242 
MET HE1  H N N 243 
MET HE2  H N N 244 
MET HE3  H N N 245 
MET HXT  H N N 246 
PHE N    N N N 247 
PHE CA   C N S 248 
PHE C    C N N 249 
PHE O    O N N 250 
PHE CB   C N N 251 
PHE CG   C Y N 252 
PHE CD1  C Y N 253 
PHE CD2  C Y N 254 
PHE CE1  C Y N 255 
PHE CE2  C Y N 256 
PHE CZ   C Y N 257 
PHE OXT  O N N 258 
PHE H    H N N 259 
PHE H2   H N N 260 
PHE HA   H N N 261 
PHE HB2  H N N 262 
PHE HB3  H N N 263 
PHE HD1  H N N 264 
PHE HD2  H N N 265 
PHE HE1  H N N 266 
PHE HE2  H N N 267 
PHE HZ   H N N 268 
PHE HXT  H N N 269 
PRO N    N N N 270 
PRO CA   C N S 271 
PRO C    C N N 272 
PRO O    O N N 273 
PRO CB   C N N 274 
PRO CG   C N N 275 
PRO CD   C N N 276 
PRO OXT  O N N 277 
PRO H    H N N 278 
PRO HA   H N N 279 
PRO HB2  H N N 280 
PRO HB3  H N N 281 
PRO HG2  H N N 282 
PRO HG3  H N N 283 
PRO HD2  H N N 284 
PRO HD3  H N N 285 
PRO HXT  H N N 286 
SER N    N N N 287 
SER CA   C N S 288 
SER C    C N N 289 
SER O    O N N 290 
SER CB   C N N 291 
SER OG   O N N 292 
SER OXT  O N N 293 
SER H    H N N 294 
SER H2   H N N 295 
SER HA   H N N 296 
SER HB2  H N N 297 
SER HB3  H N N 298 
SER HG   H N N 299 
SER HXT  H N N 300 
THR N    N N N 301 
THR CA   C N S 302 
THR C    C N N 303 
THR O    O N N 304 
THR CB   C N R 305 
THR OG1  O N N 306 
THR CG2  C N N 307 
THR OXT  O N N 308 
THR H    H N N 309 
THR H2   H N N 310 
THR HA   H N N 311 
THR HB   H N N 312 
THR HG1  H N N 313 
THR HG21 H N N 314 
THR HG22 H N N 315 
THR HG23 H N N 316 
THR HXT  H N N 317 
TRP N    N N N 318 
TRP CA   C N S 319 
TRP C    C N N 320 
TRP O    O N N 321 
TRP CB   C N N 322 
TRP CG   C Y N 323 
TRP CD1  C Y N 324 
TRP CD2  C Y N 325 
TRP NE1  N Y N 326 
TRP CE2  C Y N 327 
TRP CE3  C Y N 328 
TRP CZ2  C Y N 329 
TRP CZ3  C Y N 330 
TRP CH2  C Y N 331 
TRP OXT  O N N 332 
TRP H    H N N 333 
TRP H2   H N N 334 
TRP HA   H N N 335 
TRP HB2  H N N 336 
TRP HB3  H N N 337 
TRP HD1  H N N 338 
TRP HE1  H N N 339 
TRP HE3  H N N 340 
TRP HZ2  H N N 341 
TRP HZ3  H N N 342 
TRP HH2  H N N 343 
TRP HXT  H N N 344 
TYR N    N N N 345 
TYR CA   C N S 346 
TYR C    C N N 347 
TYR O    O N N 348 
TYR CB   C N N 349 
TYR CG   C Y N 350 
TYR CD1  C Y N 351 
TYR CD2  C Y N 352 
TYR CE1  C Y N 353 
TYR CE2  C Y N 354 
TYR CZ   C Y N 355 
TYR OH   O N N 356 
TYR OXT  O N N 357 
TYR H    H N N 358 
TYR H2   H N N 359 
TYR HA   H N N 360 
TYR HB2  H N N 361 
TYR HB3  H N N 362 
TYR HD1  H N N 363 
TYR HD2  H N N 364 
TYR HE1  H N N 365 
TYR HE2  H N N 366 
TYR HH   H N N 367 
TYR HXT  H N N 368 
VAL N    N N N 369 
VAL CA   C N S 370 
VAL C    C N N 371 
VAL O    O N N 372 
VAL CB   C N N 373 
VAL CG1  C N N 374 
VAL CG2  C N N 375 
VAL OXT  O N N 376 
VAL H    H N N 377 
VAL H2   H N N 378 
VAL HA   H N N 379 
VAL HB   H N N 380 
VAL HG11 H N N 381 
VAL HG12 H N N 382 
VAL HG13 H N N 383 
VAL HG21 H N N 384 
VAL HG22 H N N 385 
VAL HG23 H N N 386 
VAL HXT  H N N 387 
# 
loop_
_chem_comp_bond.comp_id 
_chem_comp_bond.atom_id_1 
_chem_comp_bond.atom_id_2 
_chem_comp_bond.value_order 
_chem_comp_bond.pdbx_aromatic_flag 
_chem_comp_bond.pdbx_stereo_config 
_chem_comp_bond.pdbx_ordinal 
ALA N   CA   sing N N 1   
ALA N   H    sing N N 2   
ALA N   H2   sing N N 3   
ALA CA  C    sing N N 4   
ALA CA  CB   sing N N 5   
ALA CA  HA   sing N N 6   
ALA C   O    doub N N 7   
ALA C   OXT  sing N N 8   
ALA CB  HB1  sing N N 9   
ALA CB  HB2  sing N N 10  
ALA CB  HB3  sing N N 11  
ALA OXT HXT  sing N N 12  
ARG N   CA   sing N N 13  
ARG N   H    sing N N 14  
ARG N   H2   sing N N 15  
ARG CA  C    sing N N 16  
ARG CA  CB   sing N N 17  
ARG CA  HA   sing N N 18  
ARG C   O    doub N N 19  
ARG C   OXT  sing N N 20  
ARG CB  CG   sing N N 21  
ARG CB  HB2  sing N N 22  
ARG CB  HB3  sing N N 23  
ARG CG  CD   sing N N 24  
ARG CG  HG2  sing N N 25  
ARG CG  HG3  sing N N 26  
ARG CD  NE   sing N N 27  
ARG CD  HD2  sing N N 28  
ARG CD  HD3  sing N N 29  
ARG NE  CZ   sing N N 30  
ARG NE  HE   sing N N 31  
ARG CZ  NH1  sing N N 32  
ARG CZ  NH2  doub N N 33  
ARG NH1 HH11 sing N N 34  
ARG NH1 HH12 sing N N 35  
ARG NH2 HH21 sing N N 36  
ARG NH2 HH22 sing N N 37  
ARG OXT HXT  sing N N 38  
ASN N   CA   sing N N 39  
ASN N   H    sing N N 40  
ASN N   H2   sing N N 41  
ASN CA  C    sing N N 42  
ASN CA  CB   sing N N 43  
ASN CA  HA   sing N N 44  
ASN C   O    doub N N 45  
ASN C   OXT  sing N N 46  
ASN CB  CG   sing N N 47  
ASN CB  HB2  sing N N 48  
ASN CB  HB3  sing N N 49  
ASN CG  OD1  doub N N 50  
ASN CG  ND2  sing N N 51  
ASN ND2 HD21 sing N N 52  
ASN ND2 HD22 sing N N 53  
ASN OXT HXT  sing N N 54  
ASP N   CA   sing N N 55  
ASP N   H    sing N N 56  
ASP N   H2   sing N N 57  
ASP CA  C    sing N N 58  
ASP CA  CB   sing N N 59  
ASP CA  HA   sing N N 60  
ASP C   O    doub N N 61  
ASP C   OXT  sing N N 62  
ASP CB  CG   sing N N 63  
ASP CB  HB2  sing N N 64  
ASP CB  HB3  sing N N 65  
ASP CG  OD1  doub N N 66  
ASP CG  OD2  sing N N 67  
ASP OD2 HD2  sing N N 68  
ASP OXT HXT  sing N N 69  
CYS N   CA   sing N N 70  
CYS N   H    sing N N 71  
CYS N   H2   sing N N 72  
CYS CA  C    sing N N 73  
CYS CA  CB   sing N N 74  
CYS CA  HA   sing N N 75  
CYS C   O    doub N N 76  
CYS C   OXT  sing N N 77  
CYS CB  SG   sing N N 78  
CYS CB  HB2  sing N N 79  
CYS CB  HB3  sing N N 80  
CYS SG  HG   sing N N 81  
CYS OXT HXT  sing N N 82  
GLN N   CA   sing N N 83  
GLN N   H    sing N N 84  
GLN N   H2   sing N N 85  
GLN CA  C    sing N N 86  
GLN CA  CB   sing N N 87  
GLN CA  HA   sing N N 88  
GLN C   O    doub N N 89  
GLN C   OXT  sing N N 90  
GLN CB  CG   sing N N 91  
GLN CB  HB2  sing N N 92  
GLN CB  HB3  sing N N 93  
GLN CG  CD   sing N N 94  
GLN CG  HG2  sing N N 95  
GLN CG  HG3  sing N N 96  
GLN CD  OE1  doub N N 97  
GLN CD  NE2  sing N N 98  
GLN NE2 HE21 sing N N 99  
GLN NE2 HE22 sing N N 100 
GLN OXT HXT  sing N N 101 
GLU N   CA   sing N N 102 
GLU N   H    sing N N 103 
GLU N   H2   sing N N 104 
GLU CA  C    sing N N 105 
GLU CA  CB   sing N N 106 
GLU CA  HA   sing N N 107 
GLU C   O    doub N N 108 
GLU C   OXT  sing N N 109 
GLU CB  CG   sing N N 110 
GLU CB  HB2  sing N N 111 
GLU CB  HB3  sing N N 112 
GLU CG  CD   sing N N 113 
GLU CG  HG2  sing N N 114 
GLU CG  HG3  sing N N 115 
GLU CD  OE1  doub N N 116 
GLU CD  OE2  sing N N 117 
GLU OE2 HE2  sing N N 118 
GLU OXT HXT  sing N N 119 
GLY N   CA   sing N N 120 
GLY N   H    sing N N 121 
GLY N   H2   sing N N 122 
GLY CA  C    sing N N 123 
GLY CA  HA2  sing N N 124 
GLY CA  HA3  sing N N 125 
GLY C   O    doub N N 126 
GLY C   OXT  sing N N 127 
GLY OXT HXT  sing N N 128 
HIS N   CA   sing N N 129 
HIS N   H    sing N N 130 
HIS N   H2   sing N N 131 
HIS CA  C    sing N N 132 
HIS CA  CB   sing N N 133 
HIS CA  HA   sing N N 134 
HIS C   O    doub N N 135 
HIS C   OXT  sing N N 136 
HIS CB  CG   sing N N 137 
HIS CB  HB2  sing N N 138 
HIS CB  HB3  sing N N 139 
HIS CG  ND1  sing Y N 140 
HIS CG  CD2  doub Y N 141 
HIS ND1 CE1  doub Y N 142 
HIS ND1 HD1  sing N N 143 
HIS CD2 NE2  sing Y N 144 
HIS CD2 HD2  sing N N 145 
HIS CE1 NE2  sing Y N 146 
HIS CE1 HE1  sing N N 147 
HIS NE2 HE2  sing N N 148 
HIS OXT HXT  sing N N 149 
ILE N   CA   sing N N 150 
ILE N   H    sing N N 151 
ILE N   H2   sing N N 152 
ILE CA  C    sing N N 153 
ILE CA  CB   sing N N 154 
ILE CA  HA   sing N N 155 
ILE C   O    doub N N 156 
ILE C   OXT  sing N N 157 
ILE CB  CG1  sing N N 158 
ILE CB  CG2  sing N N 159 
ILE CB  HB   sing N N 160 
ILE CG1 CD1  sing N N 161 
ILE CG1 HG12 sing N N 162 
ILE CG1 HG13 sing N N 163 
ILE CG2 HG21 sing N N 164 
ILE CG2 HG22 sing N N 165 
ILE CG2 HG23 sing N N 166 
ILE CD1 HD11 sing N N 167 
ILE CD1 HD12 sing N N 168 
ILE CD1 HD13 sing N N 169 
ILE OXT HXT  sing N N 170 
LEU N   CA   sing N N 171 
LEU N   H    sing N N 172 
LEU N   H2   sing N N 173 
LEU CA  C    sing N N 174 
LEU CA  CB   sing N N 175 
LEU CA  HA   sing N N 176 
LEU C   O    doub N N 177 
LEU C   OXT  sing N N 178 
LEU CB  CG   sing N N 179 
LEU CB  HB2  sing N N 180 
LEU CB  HB3  sing N N 181 
LEU CG  CD1  sing N N 182 
LEU CG  CD2  sing N N 183 
LEU CG  HG   sing N N 184 
LEU CD1 HD11 sing N N 185 
LEU CD1 HD12 sing N N 186 
LEU CD1 HD13 sing N N 187 
LEU CD2 HD21 sing N N 188 
LEU CD2 HD22 sing N N 189 
LEU CD2 HD23 sing N N 190 
LEU OXT HXT  sing N N 191 
LYS N   CA   sing N N 192 
LYS N   H    sing N N 193 
LYS N   H2   sing N N 194 
LYS CA  C    sing N N 195 
LYS CA  CB   sing N N 196 
LYS CA  HA   sing N N 197 
LYS C   O    doub N N 198 
LYS C   OXT  sing N N 199 
LYS CB  CG   sing N N 200 
LYS CB  HB2  sing N N 201 
LYS CB  HB3  sing N N 202 
LYS CG  CD   sing N N 203 
LYS CG  HG2  sing N N 204 
LYS CG  HG3  sing N N 205 
LYS CD  CE   sing N N 206 
LYS CD  HD2  sing N N 207 
LYS CD  HD3  sing N N 208 
LYS CE  NZ   sing N N 209 
LYS CE  HE2  sing N N 210 
LYS CE  HE3  sing N N 211 
LYS NZ  HZ1  sing N N 212 
LYS NZ  HZ2  sing N N 213 
LYS NZ  HZ3  sing N N 214 
LYS OXT HXT  sing N N 215 
MET N   CA   sing N N 216 
MET N   H    sing N N 217 
MET N   H2   sing N N 218 
MET CA  C    sing N N 219 
MET CA  CB   sing N N 220 
MET CA  HA   sing N N 221 
MET C   O    doub N N 222 
MET C   OXT  sing N N 223 
MET CB  CG   sing N N 224 
MET CB  HB2  sing N N 225 
MET CB  HB3  sing N N 226 
MET CG  SD   sing N N 227 
MET CG  HG2  sing N N 228 
MET CG  HG3  sing N N 229 
MET SD  CE   sing N N 230 
MET CE  HE1  sing N N 231 
MET CE  HE2  sing N N 232 
MET CE  HE3  sing N N 233 
MET OXT HXT  sing N N 234 
PHE N   CA   sing N N 235 
PHE N   H    sing N N 236 
PHE N   H2   sing N N 237 
PHE CA  C    sing N N 238 
PHE CA  CB   sing N N 239 
PHE CA  HA   sing N N 240 
PHE C   O    doub N N 241 
PHE C   OXT  sing N N 242 
PHE CB  CG   sing N N 243 
PHE CB  HB2  sing N N 244 
PHE CB  HB3  sing N N 245 
PHE CG  CD1  doub Y N 246 
PHE CG  CD2  sing Y N 247 
PHE CD1 CE1  sing Y N 248 
PHE CD1 HD1  sing N N 249 
PHE CD2 CE2  doub Y N 250 
PHE CD2 HD2  sing N N 251 
PHE CE1 CZ   doub Y N 252 
PHE CE1 HE1  sing N N 253 
PHE CE2 CZ   sing Y N 254 
PHE CE2 HE2  sing N N 255 
PHE CZ  HZ   sing N N 256 
PHE OXT HXT  sing N N 257 
PRO N   CA   sing N N 258 
PRO N   CD   sing N N 259 
PRO N   H    sing N N 260 
PRO CA  C    sing N N 261 
PRO CA  CB   sing N N 262 
PRO CA  HA   sing N N 263 
PRO C   O    doub N N 264 
PRO C   OXT  sing N N 265 
PRO CB  CG   sing N N 266 
PRO CB  HB2  sing N N 267 
PRO CB  HB3  sing N N 268 
PRO CG  CD   sing N N 269 
PRO CG  HG2  sing N N 270 
PRO CG  HG3  sing N N 271 
PRO CD  HD2  sing N N 272 
PRO CD  HD3  sing N N 273 
PRO OXT HXT  sing N N 274 
SER N   CA   sing N N 275 
SER N   H    sing N N 276 
SER N   H2   sing N N 277 
SER CA  C    sing N N 278 
SER CA  CB   sing N N 279 
SER CA  HA   sing N N 280 
SER C   O    doub N N 281 
SER C   OXT  sing N N 282 
SER CB  OG   sing N N 283 
SER CB  HB2  sing N N 284 
SER CB  HB3  sing N N 285 
SER OG  HG   sing N N 286 
SER OXT HXT  sing N N 287 
THR N   CA   sing N N 288 
THR N   H    sing N N 289 
THR N   H2   sing N N 290 
THR CA  C    sing N N 291 
THR CA  CB   sing N N 292 
THR CA  HA   sing N N 293 
THR C   O    doub N N 294 
THR C   OXT  sing N N 295 
THR CB  OG1  sing N N 296 
THR CB  CG2  sing N N 297 
THR CB  HB   sing N N 298 
THR OG1 HG1  sing N N 299 
THR CG2 HG21 sing N N 300 
THR CG2 HG22 sing N N 301 
THR CG2 HG23 sing N N 302 
THR OXT HXT  sing N N 303 
TRP N   CA   sing N N 304 
TRP N   H    sing N N 305 
TRP N   H2   sing N N 306 
TRP CA  C    sing N N 307 
TRP CA  CB   sing N N 308 
TRP CA  HA   sing N N 309 
TRP C   O    doub N N 310 
TRP C   OXT  sing N N 311 
TRP CB  CG   sing N N 312 
TRP CB  HB2  sing N N 313 
TRP CB  HB3  sing N N 314 
TRP CG  CD1  doub Y N 315 
TRP CG  CD2  sing Y N 316 
TRP CD1 NE1  sing Y N 317 
TRP CD1 HD1  sing N N 318 
TRP CD2 CE2  doub Y N 319 
TRP CD2 CE3  sing Y N 320 
TRP NE1 CE2  sing Y N 321 
TRP NE1 HE1  sing N N 322 
TRP CE2 CZ2  sing Y N 323 
TRP CE3 CZ3  doub Y N 324 
TRP CE3 HE3  sing N N 325 
TRP CZ2 CH2  doub Y N 326 
TRP CZ2 HZ2  sing N N 327 
TRP CZ3 CH2  sing Y N 328 
TRP CZ3 HZ3  sing N N 329 
TRP CH2 HH2  sing N N 330 
TRP OXT HXT  sing N N 331 
TYR N   CA   sing N N 332 
TYR N   H    sing N N 333 
TYR N   H2   sing N N 334 
TYR CA  C    sing N N 335 
TYR CA  CB   sing N N 336 
TYR CA  HA   sing N N 337 
TYR C   O    doub N N 338 
TYR C   OXT  sing N N 339 
TYR CB  CG   sing N N 340 
TYR CB  HB2  sing N N 341 
TYR CB  HB3  sing N N 342 
TYR CG  CD1  doub Y N 343 
TYR CG  CD2  sing Y N 344 
TYR CD1 CE1  sing Y N 345 
TYR CD1 HD1  sing N N 346 
TYR CD2 CE2  doub Y N 347 
TYR CD2 HD2  sing N N 348 
TYR CE1 CZ   doub Y N 349 
TYR CE1 HE1  sing N N 350 
TYR CE2 CZ   sing Y N 351 
TYR CE2 HE2  sing N N 352 
TYR CZ  OH   sing N N 353 
TYR OH  HH   sing N N 354 
TYR OXT HXT  sing N N 355 
VAL N   CA   sing N N 356 
VAL N   H    sing N N 357 
VAL N   H2   sing N N 358 
VAL CA  C    sing N N 359 
VAL CA  CB   sing N N 360 
VAL CA  HA   sing N N 361 
VAL C   O    doub N N 362 
VAL C   OXT  sing N N 363 
VAL CB  CG1  sing N N 364 
VAL CB  CG2  sing N N 365 
VAL CB  HB   sing N N 366 
VAL CG1 HG11 sing N N 367 
VAL CG1 HG12 sing N N 368 
VAL CG1 HG13 sing N N 369 
VAL CG2 HG21 sing N N 370 
VAL CG2 HG22 sing N N 371 
VAL CG2 HG23 sing N N 372 
VAL OXT HXT  sing N N 373 
# 
loop_
_pdbx_coordinate_model.asym_id 
_pdbx_coordinate_model.type 
A 'CA ATOMS ONLY' 
B 'CA ATOMS ONLY' 
# 
_atom_sites.entry_id                    1HLA 
_atom_sites.fract_transf_matrix[1][1]   -0.00917518 
_atom_sites.fract_transf_matrix[1][2]   -0.01329926 
_atom_sites.fract_transf_matrix[1][3]   -0.00385628 
_atom_sites.fract_transf_matrix[2][1]   0.00851500 
_atom_sites.fract_transf_matrix[2][2]   -0.00344250 
_atom_sites.fract_transf_matrix[2][3]   -0.00838736 
_atom_sites.fract_transf_matrix[3][1]   0.00423936 
_atom_sites.fract_transf_matrix[3][2]   -0.00473639 
_atom_sites.fract_transf_matrix[3][3]   0.00624788 
_atom_sites.fract_transf_vector[1]      0.833089 
_atom_sites.fract_transf_vector[2]      0.451012 
_atom_sites.fract_transf_vector[3]      0.768104 
# 
_atom_type.symbol   C 
# 
loop_
_atom_site.group_PDB 
_atom_site.id 
_atom_site.type_symbol 
_atom_site.label_atom_id 
_atom_site.label_alt_id 
_atom_site.label_comp_id 
_atom_site.label_asym_id 
_atom_site.label_entity_id 
_atom_site.label_seq_id 
_atom_site.pdbx_PDB_ins_code 
_atom_site.Cartn_x 
_atom_site.Cartn_y 
_atom_site.Cartn_z 
_atom_site.occupancy 
_atom_site.B_iso_or_equiv 
_atom_site.pdbx_formal_charge 
_atom_site.auth_seq_id 
_atom_site.auth_comp_id 
_atom_site.auth_asym_id 
_atom_site.auth_atom_id 
_atom_site.pdbx_PDB_model_num 
ATOM 1   C CA . GLY A 1 1   ? 16.292  -12.089 0.968   1.00 0.00 ? 1   GLY A CA 1 
ATOM 2   C CA . SER A 1 2   ? 15.387  -10.423 2.112   1.00 0.00 ? 2   SER A CA 1 
ATOM 3   C CA . HIS A 1 3   ? 11.535  -11.092 3.106   1.00 0.00 ? 3   HIS A CA 1 
ATOM 4   C CA . SER A 1 4   ? 8.677   -9.730  5.545   1.00 0.00 ? 4   SER A CA 1 
ATOM 5   C CA . MET A 1 5   ? 5.067   -10.555 6.549   1.00 0.00 ? 5   MET A CA 1 
ATOM 6   C CA . ARG A 1 6   ? 3.177   -7.594  7.909   1.00 0.00 ? 6   ARG A CA 1 
ATOM 7   C CA . TYR A 1 7   ? -0.210  -7.053  9.417   1.00 0.00 ? 7   TYR A CA 1 
ATOM 8   C CA . PHE A 1 8   ? -2.003  -4.043  8.767   1.00 0.00 ? 8   PHE A CA 1 
ATOM 9   C CA . PHE A 1 9   ? -5.342  -3.312  9.923   1.00 0.00 ? 9   PHE A CA 1 
ATOM 10  C CA . THR A 1 10  ? -7.859  -0.601  10.000  1.00 0.00 ? 10  THR A CA 1 
ATOM 11  C CA . SER A 1 11  ? -11.045 0.132   12.101  1.00 0.00 ? 11  SER A CA 1 
ATOM 12  C CA . VAL A 1 12  ? -13.443 2.707   12.011  1.00 0.00 ? 12  VAL A CA 1 
ATOM 13  C CA . SER A 1 13  ? -16.778 3.193   14.620  1.00 0.00 ? 13  SER A CA 1 
ATOM 14  C CA . ARG A 1 14  ? -20.102 4.857   13.487  1.00 0.00 ? 14  ARG A CA 1 
ATOM 15  C CA . PRO A 1 15  ? -23.824 5.016   15.077  1.00 0.00 ? 15  PRO A CA 1 
ATOM 16  C CA . GLY A 1 16  ? -27.195 3.327   15.383  1.00 0.00 ? 16  GLY A CA 1 
ATOM 17  C CA . ARG A 1 17  ? -25.802 0.983   12.926  1.00 0.00 ? 17  ARG A CA 1 
ATOM 18  C CA . GLY A 1 18  ? -22.849 -1.223  12.845  1.00 0.00 ? 18  GLY A CA 1 
ATOM 19  C CA . GLU A 1 19  ? -20.495 -3.149  14.427  1.00 0.00 ? 19  GLU A CA 1 
ATOM 20  C CA . PRO A 1 20  ? -17.240 -1.834  13.370  1.00 0.00 ? 20  PRO A CA 1 
ATOM 21  C CA . ARG A 1 21  ? -15.647 -2.184  10.177  1.00 0.00 ? 21  ARG A CA 1 
ATOM 22  C CA . PHE A 1 22  ? -12.608 -4.256  10.156  1.00 0.00 ? 22  PHE A CA 1 
ATOM 23  C CA . ILE A 1 23  ? -10.299 -5.334  7.621   1.00 0.00 ? 23  ILE A CA 1 
ATOM 24  C CA . ALA A 1 24  ? -6.948  -6.956  7.872   1.00 0.00 ? 24  ALA A CA 1 
ATOM 25  C CA . VAL A 1 25  ? -4.777  -7.199  5.337   1.00 0.00 ? 25  VAL A CA 1 
ATOM 26  C CA . GLY A 1 26  ? -1.563  -8.846  5.633   1.00 0.00 ? 26  GLY A CA 1 
ATOM 27  C CA . TYR A 1 27  ? 0.824   -8.811  2.709   1.00 0.00 ? 27  TYR A CA 1 
ATOM 28  C CA . VAL A 1 28  ? 4.013   -10.915 2.659   1.00 0.00 ? 28  VAL A CA 1 
ATOM 29  C CA . ASP A 1 29  ? 6.804   -9.336  0.322   1.00 0.00 ? 29  ASP A CA 1 
ATOM 30  C CA . ASP A 1 30  ? 4.359   -7.167  -1.524  1.00 0.00 ? 30  ASP A CA 1 
ATOM 31  C CA . THR A 1 31  ? 0.823   -8.832  -1.537  1.00 0.00 ? 31  THR A CA 1 
ATOM 32  C CA . GLN A 1 32  ? -1.203  -11.374 0.070   1.00 0.00 ? 32  GLN A CA 1 
ATOM 33  C CA . PHE A 1 33  ? -4.305  -10.351 0.867   1.00 0.00 ? 33  PHE A CA 1 
ATOM 34  C CA . VAL A 1 34  ? -6.182  -11.718 3.141   1.00 0.00 ? 34  VAL A CA 1 
ATOM 35  C CA . ARG A 1 35  ? -8.815  -9.601  3.328   1.00 0.00 ? 35  ARG A CA 1 
ATOM 36  C CA . PHE A 1 36  ? -11.396 -9.568  5.417   1.00 0.00 ? 36  PHE A CA 1 
ATOM 37  C CA . ASP A 1 37  ? -13.667 -6.646  4.672   1.00 0.00 ? 37  ASP A CA 1 
ATOM 38  C CA . SER A 1 38  ? -16.376 -7.550  6.992   1.00 0.00 ? 38  SER A CA 1 
ATOM 39  C CA . ASP A 1 39  ? -19.364 -5.877  5.558   1.00 0.00 ? 39  ASP A CA 1 
ATOM 40  C CA . ALA A 1 40  ? -18.420 -9.021  4.297   1.00 0.00 ? 40  ALA A CA 1 
ATOM 41  C CA . ALA A 1 41  ? -20.440 -11.146 2.353   1.00 0.00 ? 41  ALA A CA 1 
ATOM 42  C CA . SER A 1 42  ? -19.473 -14.195 3.786   1.00 0.00 ? 42  SER A CA 1 
ATOM 43  C CA . GLN A 1 43  ? -17.935 -13.787 7.009   1.00 0.00 ? 43  GLN A CA 1 
ATOM 44  C CA . ARG A 1 44  ? -15.364 -15.758 5.858   1.00 0.00 ? 44  ARG A CA 1 
ATOM 45  C CA . MET A 1 45  ? -11.512 -15.019 5.867   1.00 0.00 ? 45  MET A CA 1 
ATOM 46  C CA . GLU A 1 46  ? -10.503 -15.052 2.449   1.00 0.00 ? 46  GLU A CA 1 
ATOM 47  C CA . PRO A 1 47  ? -7.522  -16.491 1.144   1.00 0.00 ? 47  PRO A CA 1 
ATOM 48  C CA . ARG A 1 48  ? -6.659  -14.453 -2.193  1.00 0.00 ? 48  ARG A CA 1 
ATOM 49  C CA . ALA A 1 49  ? -3.121  -15.187 -3.215  1.00 0.00 ? 49  ALA A CA 1 
ATOM 50  C CA . PRO A 1 50  ? -2.636  -18.915 -4.782  1.00 0.00 ? 50  PRO A CA 1 
ATOM 51  C CA . TRP A 1 51  ? 0.177   -20.809 -2.578  1.00 0.00 ? 51  TRP A CA 1 
ATOM 52  C CA . ILE A 1 52  ? -2.061  -20.470 0.524   1.00 0.00 ? 52  ILE A CA 1 
ATOM 53  C CA . GLU A 1 53  ? -5.301  -21.884 -1.090  1.00 0.00 ? 53  GLU A CA 1 
ATOM 54  C CA . GLN A 1 54  ? -3.136  -24.848 -1.124  1.00 0.00 ? 54  GLN A CA 1 
ATOM 55  C CA . GLU A 1 55  ? -3.654  -24.339 2.566   1.00 0.00 ? 55  GLU A CA 1 
ATOM 56  C CA . GLY A 1 56  ? -6.416  -25.894 4.188   1.00 0.00 ? 56  GLY A CA 1 
ATOM 57  C CA . PRO A 1 57  ? -8.609  -26.329 7.088   1.00 0.00 ? 57  PRO A CA 1 
ATOM 58  C CA . GLU A 1 58  ? -7.877  -25.411 9.895   1.00 0.00 ? 58  GLU A CA 1 
ATOM 59  C CA . TYR A 1 59  ? -5.104  -22.827 9.065   1.00 0.00 ? 59  TYR A CA 1 
ATOM 60  C CA . TRP A 1 60  ? -7.103  -21.113 7.604   1.00 0.00 ? 60  TRP A CA 1 
ATOM 61  C CA . ASP A 1 61  ? -10.211 -21.366 10.223  1.00 0.00 ? 61  ASP A CA 1 
ATOM 62  C CA . GLY A 1 62  ? -7.842  -20.869 13.099  1.00 0.00 ? 62  GLY A CA 1 
ATOM 63  C CA . GLU A 1 63  ? -7.499  -17.715 10.906  1.00 0.00 ? 63  GLU A CA 1 
ATOM 64  C CA . THR A 1 64  ? -11.149 -16.592 11.099  1.00 0.00 ? 64  THR A CA 1 
ATOM 65  C CA . ARG A 1 65  ? -11.046 -16.523 14.154  1.00 0.00 ? 65  ARG A CA 1 
ATOM 66  C CA . LYS A 1 66  ? -7.808  -15.136 15.366  1.00 0.00 ? 66  LYS A CA 1 
ATOM 67  C CA . VAL A 1 67  ? -8.870  -12.239 13.287  1.00 0.00 ? 67  VAL A CA 1 
ATOM 68  C CA . LYS A 1 68  ? -12.427 -11.650 14.115  1.00 0.00 ? 68  LYS A CA 1 
ATOM 69  C CA . ALA A 1 69  ? -11.975 -12.084 17.777  1.00 0.00 ? 69  ALA A CA 1 
ATOM 70  C CA . HIS A 1 70  ? -9.363  -9.606  16.983  1.00 0.00 ? 70  HIS A CA 1 
ATOM 71  C CA . SER A 1 71  ? -11.793 -7.092  15.710  1.00 0.00 ? 71  SER A CA 1 
ATOM 72  C CA . GLN A 1 72  ? -13.652 -6.977  18.656  1.00 0.00 ? 72  GLN A CA 1 
ATOM 73  C CA . THR A 1 73  ? -10.810 -6.144  20.804  1.00 0.00 ? 73  THR A CA 1 
ATOM 74  C CA . HIS A 1 74  ? -10.031 -3.134  18.477  1.00 0.00 ? 74  HIS A CA 1 
ATOM 75  C CA . ARG A 1 75  ? -13.747 -2.005  18.726  1.00 0.00 ? 75  ARG A CA 1 
ATOM 76  C CA . VAL A 1 76  ? -13.612 -1.672  22.299  1.00 0.00 ? 76  VAL A CA 1 
ATOM 77  C CA . ASP A 1 77  ? -10.696 0.370   22.075  1.00 0.00 ? 77  ASP A CA 1 
ATOM 78  C CA . LEU A 1 78  ? -12.835 2.982   20.454  1.00 0.00 ? 78  LEU A CA 1 
ATOM 79  C CA . GLY A 1 79  ? -15.036 3.060   23.615  1.00 0.00 ? 79  GLY A CA 1 
ATOM 80  C CA . THR A 1 80  ? -12.050 2.542   25.781  1.00 0.00 ? 80  THR A CA 1 
ATOM 81  C CA . LEU A 1 81  ? -10.488 5.522   23.705  1.00 0.00 ? 81  LEU A CA 1 
ATOM 82  C CA . ARG A 1 82  ? -12.712 8.636   23.119  1.00 0.00 ? 82  ARG A CA 1 
ATOM 83  C CA . GLY A 1 83  ? -13.184 7.554   26.863  1.00 0.00 ? 83  GLY A CA 1 
ATOM 84  C CA . TYR A 1 84  ? -10.413 7.729   27.553  1.00 0.00 ? 84  TYR A CA 1 
ATOM 85  C CA . TYR A 1 85  ? -9.235  10.623  26.222  1.00 0.00 ? 85  TYR A CA 1 
ATOM 86  C CA . ASN A 1 86  ? -12.671 12.291  25.902  1.00 0.00 ? 86  ASN A CA 1 
ATOM 87  C CA . GLN A 1 87  ? -13.962 12.649  21.746  1.00 0.00 ? 87  GLN A CA 1 
ATOM 88  C CA . SER A 1 88  ? -17.829 12.245  21.069  1.00 0.00 ? 88  SER A CA 1 
ATOM 89  C CA . GLU A 1 89  ? -20.669 9.076   20.099  1.00 0.00 ? 89  GLU A CA 1 
ATOM 90  C CA . ALA A 1 90  ? -21.284 11.330  17.383  1.00 0.00 ? 90  ALA A CA 1 
ATOM 91  C CA . GLY A 1 91  ? -19.631 11.713  13.958  1.00 0.00 ? 91  GLY A CA 1 
ATOM 92  C CA . SER A 1 92  ? -17.014 9.563   15.540  1.00 0.00 ? 92  SER A CA 1 
ATOM 93  C CA . HIS A 1 93  ? -13.752 8.372   13.648  1.00 0.00 ? 93  HIS A CA 1 
ATOM 94  C CA . THR A 1 94  ? -10.687 5.407   13.248  1.00 0.00 ? 94  THR A CA 1 
ATOM 95  C CA . VAL A 1 95  ? -7.941  2.667   14.766  1.00 0.00 ? 95  VAL A CA 1 
ATOM 96  C CA . GLN A 1 96  ? -4.853  1.137   12.911  1.00 0.00 ? 96  GLN A CA 1 
ATOM 97  C CA . ARG A 1 97  ? -2.290  -1.555  13.990  1.00 0.00 ? 97  ARG A CA 1 
ATOM 98  C CA . MET A 1 98  ? 1.461   -2.878  12.581  1.00 0.00 ? 98  MET A CA 1 
ATOM 99  C CA . TYR A 1 99  ? 2.389   -6.473  13.192  1.00 0.00 ? 99  TYR A CA 1 
ATOM 100 C CA . GLY A 1 100 ? 5.488   -7.220  11.039  1.00 0.00 ? 100 GLY A CA 1 
ATOM 101 C CA . CYS A 1 101 ? 8.141   -9.706  10.461  1.00 0.00 ? 101 CYS A CA 1 
ATOM 102 C CA . ASP A 1 102 ? 11.042  -9.104  9.055   1.00 0.00 ? 102 ASP A CA 1 
ATOM 103 C CA . VAL A 1 103 ? 13.501  -11.557 8.418   1.00 0.00 ? 103 VAL A CA 1 
ATOM 104 C CA . GLY A 1 104 ? 16.588  -11.288 6.352   1.00 0.00 ? 104 GLY A CA 1 
ATOM 105 C CA . SER A 1 105 ? 18.996  -13.524 4.933   1.00 0.00 ? 105 SER A CA 1 
ATOM 106 C CA . ASP A 1 106 ? 20.548  -16.404 6.650   1.00 0.00 ? 106 ASP A CA 1 
ATOM 107 C CA . TRP A 1 107 ? 17.180  -15.790 6.562   1.00 0.00 ? 107 TRP A CA 1 
ATOM 108 C CA . ARG A 1 108 ? 16.291  -15.172 10.345  1.00 0.00 ? 108 ARG A CA 1 
ATOM 109 C CA . PHE A 1 109 ? 15.690  -11.806 12.477  1.00 0.00 ? 109 PHE A CA 1 
ATOM 110 C CA . LEU A 1 110 ? 15.891  -7.977  12.111  1.00 0.00 ? 110 LEU A CA 1 
ATOM 111 C CA . ARG A 1 111 ? 13.118  -8.123  14.075  1.00 0.00 ? 111 ARG A CA 1 
ATOM 112 C CA . GLY A 1 112 ? 9.811   -7.800  13.993  1.00 0.00 ? 112 GLY A CA 1 
ATOM 113 C CA . TYR A 1 113 ? 7.956   -4.670  14.242  1.00 0.00 ? 113 TYR A CA 1 
ATOM 114 C CA . HIS A 1 114 ? 4.198   -3.851  16.193  1.00 0.00 ? 114 HIS A CA 1 
ATOM 115 C CA . GLN A 1 115 ? 2.635   -0.250  15.823  1.00 0.00 ? 115 GLN A CA 1 
ATOM 116 C CA . TYR A 1 116 ? -0.703  1.837   16.461  1.00 0.00 ? 116 TYR A CA 1 
ATOM 117 C CA . ALA A 1 117 ? -2.385  4.794   15.678  1.00 0.00 ? 117 ALA A CA 1 
ATOM 118 C CA . TYR A 1 118 ? -5.697  5.927   16.406  1.00 0.00 ? 118 TYR A CA 1 
ATOM 119 C CA . ASP A 1 119 ? -6.726  8.666   14.045  1.00 0.00 ? 119 ASP A CA 1 
ATOM 120 C CA . GLY A 1 120 ? -2.948  9.034   13.398  1.00 0.00 ? 120 GLY A CA 1 
ATOM 121 C CA . LYS A 1 121 ? 0.175   8.203   15.253  1.00 0.00 ? 121 LYS A CA 1 
ATOM 122 C CA . ASP A 1 122 ? 0.013   7.565   18.572  1.00 0.00 ? 122 ASP A CA 1 
ATOM 123 C CA . TYR A 1 123 ? -0.569  5.294   21.144  1.00 0.00 ? 123 TYR A CA 1 
ATOM 124 C CA . ILE A 1 124 ? 2.218   2.720   21.401  1.00 0.00 ? 124 ILE A CA 1 
ATOM 125 C CA . ALA A 1 125 ? 4.869   1.068   19.472  1.00 0.00 ? 125 ALA A CA 1 
ATOM 126 C CA . LEU A 1 126 ? 7.141   -1.522  20.776  1.00 0.00 ? 126 LEU A CA 1 
ATOM 127 C CA . LYS A 1 127 ? 10.641  -0.805  20.413  1.00 0.00 ? 127 LYS A CA 1 
ATOM 128 C CA . GLU A 1 128 ? 13.337  -2.367  19.036  1.00 0.00 ? 128 GLU A CA 1 
ATOM 129 C CA . ASP A 1 129 ? 15.000  -5.131  19.752  1.00 0.00 ? 129 ASP A CA 1 
ATOM 130 C CA . LEU A 1 130 ? 13.643  -4.645  22.565  1.00 0.00 ? 130 LEU A CA 1 
ATOM 131 C CA . ARG A 1 131 ? 10.940  -6.036  22.845  1.00 0.00 ? 131 ARG A CA 1 
ATOM 132 C CA . SER A 1 132 ? 10.053  -4.224  25.731  1.00 0.00 ? 132 SER A CA 1 
ATOM 133 C CA . TRP A 1 133 ? 8.388   -0.739  25.223  1.00 0.00 ? 133 TRP A CA 1 
ATOM 134 C CA . THR A 1 134 ? 7.402   3.226   23.982  1.00 0.00 ? 134 THR A CA 1 
ATOM 135 C CA . ALA A 1 135 ? 4.443   5.837   23.830  1.00 0.00 ? 135 ALA A CA 1 
ATOM 136 C CA . ALA A 1 136 ? 2.927   8.816   22.033  1.00 0.00 ? 136 ALA A CA 1 
ATOM 137 C CA . ASP A 1 137 ? 0.325   11.419  22.907  1.00 0.00 ? 137 ASP A CA 1 
ATOM 138 C CA . MET A 1 138 ? -0.496  10.196  26.705  1.00 0.00 ? 138 MET A CA 1 
ATOM 139 C CA . ALA A 1 139 ? -3.384  8.576   27.075  1.00 0.00 ? 139 ALA A CA 1 
ATOM 140 C CA . ALA A 1 140 ? -1.764  6.532   25.575  1.00 0.00 ? 140 ALA A CA 1 
ATOM 141 C CA . GLN A 1 141 ? 0.741   5.823   28.202  1.00 0.00 ? 141 GLN A CA 1 
ATOM 142 C CA . THR A 1 142 ? -1.667  4.940   30.884  1.00 0.00 ? 142 THR A CA 1 
ATOM 143 C CA . THR A 1 143 ? -1.905  1.869   28.299  1.00 0.00 ? 143 THR A CA 1 
ATOM 144 C CA . LYS A 1 144 ? 2.207   1.481   29.223  1.00 0.00 ? 144 LYS A CA 1 
ATOM 145 C CA . HIS A 1 145 ? 1.428   -0.968  31.532  1.00 0.00 ? 145 HIS A CA 1 
ATOM 146 C CA . LYS A 1 146 ? -1.373  -2.453  30.906  1.00 0.00 ? 146 LYS A CA 1 
ATOM 147 C CA . TRP A 1 147 ? 0.444   -3.291  28.931  1.00 0.00 ? 147 TRP A CA 1 
ATOM 148 C CA . GLU A 1 148 ? 3.126   -4.720  30.555  1.00 0.00 ? 148 GLU A CA 1 
ATOM 149 C CA . ALA A 1 149 ? 3.391   -5.448  34.088  1.00 0.00 ? 149 ALA A CA 1 
ATOM 150 C CA . ALA A 1 150 ? 3.536   -8.901  33.112  1.00 0.00 ? 150 ALA A CA 1 
ATOM 151 C CA . HIS A 1 151 ? 2.271   -9.557  29.812  1.00 0.00 ? 151 HIS A CA 1 
ATOM 152 C CA . VAL A 1 152 ? 1.790   -7.929  26.621  1.00 0.00 ? 152 VAL A CA 1 
ATOM 153 C CA . ALA A 1 153 ? 5.025   -6.813  25.284  1.00 0.00 ? 153 ALA A CA 1 
ATOM 154 C CA . GLU A 1 154 ? 6.653   -10.105 26.520  1.00 0.00 ? 154 GLU A CA 1 
ATOM 155 C CA . GLN A 1 155 ? 4.315   -12.040 24.833  1.00 0.00 ? 155 GLN A CA 1 
ATOM 156 C CA . LEU A 1 156 ? 4.345   -10.696 21.655  1.00 0.00 ? 156 LEU A CA 1 
ATOM 157 C CA . ARG A 1 157 ? 8.066   -11.491 21.531  1.00 0.00 ? 157 ARG A CA 1 
ATOM 158 C CA . ALA A 1 158 ? 8.303   -15.209 22.042  1.00 0.00 ? 158 ALA A CA 1 
ATOM 159 C CA . TYR A 1 159 ? 6.311   -15.127 18.878  1.00 0.00 ? 159 TYR A CA 1 
ATOM 160 C CA . LEU A 1 160 ? 8.655   -13.204 17.324  1.00 0.00 ? 160 LEU A CA 1 
ATOM 161 C CA . GLU A 1 161 ? 11.432  -15.289 16.029  1.00 0.00 ? 161 GLU A CA 1 
ATOM 162 C CA . GLY A 1 162 ? 8.715   -17.269 17.361  1.00 0.00 ? 162 GLY A CA 1 
ATOM 163 C CA . THR A 1 163 ? 6.004   -18.553 15.052  1.00 0.00 ? 163 THR A CA 1 
ATOM 164 C CA . CYS A 1 164 ? 6.293   -15.867 12.241  1.00 0.00 ? 164 CYS A CA 1 
ATOM 165 C CA . VAL A 1 165 ? 9.475   -16.741 11.008  1.00 0.00 ? 165 VAL A CA 1 
ATOM 166 C CA . GLU A 1 166 ? 7.965   -20.216 10.868  1.00 0.00 ? 166 GLU A CA 1 
ATOM 167 C CA . TRP A 1 167 ? 5.091   -18.787 8.909   1.00 0.00 ? 167 TRP A CA 1 
ATOM 168 C CA . LEU A 1 168 ? 7.258   -16.808 6.432   1.00 0.00 ? 168 LEU A CA 1 
ATOM 169 C CA . ARG A 1 169 ? 8.912   -20.153 5.437   1.00 0.00 ? 169 ARG A CA 1 
ATOM 170 C CA . ARG A 1 170 ? 5.763   -21.859 4.366   1.00 0.00 ? 170 ARG A CA 1 
ATOM 171 C CA . TYR A 1 171 ? 4.452   -18.548 3.239   1.00 0.00 ? 171 TYR A CA 1 
ATOM 172 C CA . LEU A 1 172 ? 7.621   -17.951 1.196   1.00 0.00 ? 172 LEU A CA 1 
ATOM 173 C CA . GLU A 1 173 ? 9.029   -21.073 -0.017  1.00 0.00 ? 173 GLU A CA 1 
ATOM 174 C CA . ASN A 1 174 ? 5.843   -23.111 -0.424  1.00 0.00 ? 174 ASN A CA 1 
ATOM 175 C CA . GLY A 1 175 ? 4.713   -20.142 -2.488  1.00 0.00 ? 175 GLY A CA 1 
ATOM 176 C CA . LYS A 1 176 ? 8.096   -18.840 -3.645  1.00 0.00 ? 176 LYS A CA 1 
ATOM 177 C CA . GLU A 1 177 ? 7.868   -19.242 -7.092  1.00 0.00 ? 177 GLU A CA 1 
ATOM 178 C CA . THR A 1 178 ? 5.583   -16.428 -7.799  1.00 0.00 ? 178 THR A CA 1 
ATOM 179 C CA . LEU A 1 179 ? 6.381   -14.494 -4.728  1.00 0.00 ? 179 LEU A CA 1 
ATOM 180 C CA . GLN A 1 180 ? 10.006  -14.810 -4.127  1.00 0.00 ? 180 GLN A CA 1 
ATOM 181 C CA . ARG A 1 181 ? 11.623  -15.651 -7.065  1.00 0.00 ? 181 ARG A CA 1 
ATOM 182 C CA . THR A 1 182 ? 12.604  -12.107 -8.602  1.00 0.00 ? 182 THR A CA 1 
ATOM 183 C CA . ASP A 1 183 ? 11.863  -9.897  -11.647 1.00 0.00 ? 183 ASP A CA 1 
ATOM 184 C CA . ALA A 1 184 ? 13.724  -7.173  -13.045 1.00 0.00 ? 184 ALA A CA 1 
ATOM 185 C CA . PRO A 1 185 ? 12.529  -4.422  -14.806 1.00 0.00 ? 185 PRO A CA 1 
ATOM 186 C CA . LYS A 1 186 ? 13.390  -3.027  -18.154 1.00 0.00 ? 186 LYS A CA 1 
ATOM 187 C CA . THR A 1 187 ? 11.977  0.032   -19.619 1.00 0.00 ? 187 THR A CA 1 
ATOM 188 C CA . HIS A 1 188 ? 11.904  2.498   -22.341 1.00 0.00 ? 188 HIS A CA 1 
ATOM 189 C CA . MET A 1 189 ? 12.660  5.821   -23.115 1.00 0.00 ? 189 MET A CA 1 
ATOM 190 C CA . THR A 1 190 ? 10.433  8.163   -24.757 1.00 0.00 ? 190 THR A CA 1 
ATOM 191 C CA . HIS A 1 191 ? 10.557  11.726  -25.701 1.00 0.00 ? 191 HIS A CA 1 
ATOM 192 C CA . HIS A 1 192 ? 7.928   14.015  -26.109 1.00 0.00 ? 192 HIS A CA 1 
ATOM 193 C CA . ALA A 1 193 ? 8.137   18.060  -26.302 1.00 0.00 ? 193 ALA A CA 1 
ATOM 194 C CA . VAL A 1 194 ? 7.620   20.525  -23.780 1.00 0.00 ? 194 VAL A CA 1 
ATOM 195 C CA . SER A 1 195 ? 7.433   23.575  -26.360 1.00 0.00 ? 195 SER A CA 1 
ATOM 196 C CA . ASP A 1 196 ? 10.113  24.308  -29.100 1.00 0.00 ? 196 ASP A CA 1 
ATOM 197 C CA . HIS A 1 197 ? 13.486  23.575  -27.919 1.00 0.00 ? 197 HIS A CA 1 
ATOM 198 C CA . GLU A 1 198 ? 12.488  22.005  -25.155 1.00 0.00 ? 198 GLU A CA 1 
ATOM 199 C CA . ALA A 1 199 ? 12.315  18.001  -24.533 1.00 0.00 ? 199 ALA A CA 1 
ATOM 200 C CA . THR A 1 200 ? 11.268  15.837  -21.926 1.00 0.00 ? 200 THR A CA 1 
ATOM 201 C CA . LEU A 1 201 ? 12.366  12.458  -21.978 1.00 0.00 ? 201 LEU A CA 1 
ATOM 202 C CA . ARG A 1 202 ? 10.769  9.732   -19.683 1.00 0.00 ? 202 ARG A CA 1 
ATOM 203 C CA . CYS A 1 203 ? 12.384  6.522   -17.711 1.00 0.00 ? 203 CYS A CA 1 
ATOM 204 C CA . TRP A 1 204 ? 9.764   3.739   -17.153 1.00 0.00 ? 204 TRP A CA 1 
ATOM 205 C CA . ALA A 1 205 ? 10.315  0.616   -16.110 1.00 0.00 ? 205 ALA A CA 1 
ATOM 206 C CA . LEU A 1 206 ? 7.739   -1.451  -15.544 1.00 0.00 ? 206 LEU A CA 1 
ATOM 207 C CA . SER A 1 207 ? 7.743   -4.428  -13.722 1.00 0.00 ? 207 SER A CA 1 
ATOM 208 C CA . PHE A 1 208 ? 9.098   -5.496  -9.970  1.00 0.00 ? 208 PHE A CA 1 
ATOM 209 C CA . TYR A 1 209 ? 9.408   -7.317  -7.340  1.00 0.00 ? 209 TYR A CA 1 
ATOM 210 C CA . PRO A 1 210 ? 10.160  -5.191  -4.818  1.00 0.00 ? 210 PRO A CA 1 
ATOM 211 C CA . ALA A 1 211 ? 8.799   -2.231  -5.254  1.00 0.00 ? 211 ALA A CA 1 
ATOM 212 C CA . GLU A 1 212 ? 11.883  -0.563  -4.572  1.00 0.00 ? 212 GLU A CA 1 
ATOM 213 C CA . ILE A 1 213 ? 14.065  1.135   -6.593  1.00 0.00 ? 213 ILE A CA 1 
ATOM 214 C CA . THR A 1 214 ? 15.961  3.853   -7.471  1.00 0.00 ? 214 THR A CA 1 
ATOM 215 C CA . LEU A 1 215 ? 15.469  5.701   -10.517 1.00 0.00 ? 215 LEU A CA 1 
ATOM 216 C CA . THR A 1 216 ? 18.302  8.055   -10.426 1.00 0.00 ? 216 THR A CA 1 
ATOM 217 C CA . TRP A 1 217 ? 19.302  10.159  -13.674 1.00 0.00 ? 217 TRP A CA 1 
ATOM 218 C CA . GLN A 1 218 ? 22.631  11.334  -14.514 1.00 0.00 ? 218 GLN A CA 1 
ATOM 219 C CA . ARG A 1 219 ? 23.790  14.157  -16.604 1.00 0.00 ? 219 ARG A CA 1 
ATOM 220 C CA . ASP A 1 220 ? 27.267  14.752  -17.913 1.00 0.00 ? 220 ASP A CA 1 
ATOM 221 C CA . GLY A 1 221 ? 28.595  12.097  -15.524 1.00 0.00 ? 221 GLY A CA 1 
ATOM 222 C CA . GLU A 1 222 ? 27.066  14.100  -12.962 1.00 0.00 ? 222 GLU A CA 1 
ATOM 223 C CA . ASP A 1 223 ? 23.838  14.453  -11.552 1.00 0.00 ? 223 ASP A CA 1 
ATOM 224 C CA . GLN A 1 224 ? 21.062  16.453  -12.270 1.00 0.00 ? 224 GLN A CA 1 
ATOM 225 C CA . THR A 1 225 ? 18.517  16.102  -9.769  1.00 0.00 ? 225 THR A CA 1 
ATOM 226 C CA . GLN A 1 226 ? 17.215  19.495  -9.797  1.00 0.00 ? 226 GLN A CA 1 
ATOM 227 C CA . ASP A 1 227 ? 15.057  20.472  -12.710 1.00 0.00 ? 227 ASP A CA 1 
ATOM 228 C CA . THR A 1 228 ? 12.971  17.259  -13.353 1.00 0.00 ? 228 THR A CA 1 
ATOM 229 C CA . GLU A 1 229 ? 9.787   15.055  -11.649 1.00 0.00 ? 229 GLU A CA 1 
ATOM 230 C CA . LEU A 1 230 ? 9.587   11.344  -10.848 1.00 0.00 ? 230 LEU A CA 1 
ATOM 231 C CA . VAL A 1 231 ? 6.733   9.547   -9.350  1.00 0.00 ? 231 VAL A CA 1 
ATOM 232 C CA . GLU A 1 232 ? 6.365   7.618   -6.341  1.00 0.00 ? 232 GLU A CA 1 
ATOM 233 C CA . THR A 1 233 ? 5.754   4.370   -7.147  1.00 0.00 ? 233 THR A CA 1 
ATOM 234 C CA . ARG A 1 234 ? 2.393   2.950   -8.286  1.00 0.00 ? 234 ARG A CA 1 
ATOM 235 C CA . PRO A 1 235 ? 0.886   -1.001  -8.077  1.00 0.00 ? 235 PRO A CA 1 
ATOM 236 C CA . ALA A 1 236 ? -0.784  -2.942  -11.160 1.00 0.00 ? 236 ALA A CA 1 
ATOM 237 C CA . GLY A 1 237 ? -3.530  -5.602  -10.731 1.00 0.00 ? 237 GLY A CA 1 
ATOM 238 C CA . ASP A 1 238 ? -0.844  -7.831  -11.739 1.00 0.00 ? 238 ASP A CA 1 
ATOM 239 C CA . GLY A 1 239 ? 2.286   -7.691  -8.756  1.00 0.00 ? 239 GLY A CA 1 
ATOM 240 C CA . THR A 1 240 ? 3.982   -5.518  -11.324 1.00 0.00 ? 240 THR A CA 1 
ATOM 241 C CA . PHE A 1 241 ? 5.034   -1.719  -10.167 1.00 0.00 ? 241 PHE A CA 1 
ATOM 242 C CA . GLN A 1 242 ? 6.035   1.112   -12.409 1.00 0.00 ? 242 GLN A CA 1 
ATOM 243 C CA . LYS A 1 243 ? 8.307   4.179   -12.175 1.00 0.00 ? 243 LYS A CA 1 
ATOM 244 C CA . TRP A 1 244 ? 8.392   7.118   -14.655 1.00 0.00 ? 244 TRP A CA 1 
ATOM 245 C CA . ALA A 1 245 ? 10.922  9.959   -14.298 1.00 0.00 ? 245 ALA A CA 1 
ATOM 246 C CA . ALA A 1 246 ? 11.445  13.186  -16.326 1.00 0.00 ? 246 ALA A CA 1 
ATOM 247 C CA . VAL A 1 247 ? 13.575  16.232  -17.468 1.00 0.00 ? 247 VAL A CA 1 
ATOM 248 C CA . VAL A 1 248 ? 12.870  19.084  -19.720 1.00 0.00 ? 248 VAL A CA 1 
ATOM 249 C CA . VAL A 1 249 ? 15.515  19.236  -21.959 1.00 0.00 ? 249 VAL A CA 1 
ATOM 250 C CA . PRO A 1 250 ? 16.460  21.899  -24.228 1.00 0.00 ? 250 PRO A CA 1 
ATOM 251 C CA . SER A 1 251 ? 16.065  19.514  -27.196 1.00 0.00 ? 251 SER A CA 1 
ATOM 252 C CA . GLY A 1 252 ? 18.840  20.808  -29.209 1.00 0.00 ? 252 GLY A CA 1 
ATOM 253 C CA . GLN A 1 253 ? 20.653  18.212  -27.388 1.00 0.00 ? 253 GLN A CA 1 
ATOM 254 C CA . GLU A 1 254 ? 19.366  15.730  -25.741 1.00 0.00 ? 254 GLU A CA 1 
ATOM 255 C CA . GLN A 1 255 ? 21.990  13.468  -24.934 1.00 0.00 ? 255 GLN A CA 1 
ATOM 256 C CA . ARG A 1 256 ? 24.343  13.814  -22.223 1.00 0.00 ? 256 ARG A CA 1 
ATOM 257 C CA . TYR A 1 257 ? 21.819  12.406  -20.032 1.00 0.00 ? 257 TYR A CA 1 
ATOM 258 C CA . THR A 1 258 ? 21.624  8.741   -19.023 1.00 0.00 ? 258 THR A CA 1 
ATOM 259 C CA . CYS A 1 259 ? 19.311  7.306   -16.140 1.00 0.00 ? 259 CYS A CA 1 
ATOM 260 C CA . HIS A 1 260 ? 19.850  4.859   -13.443 1.00 0.00 ? 260 HIS A CA 1 
ATOM 261 C CA . VAL A 1 261 ? 17.781  2.225   -12.103 1.00 0.00 ? 261 VAL A CA 1 
ATOM 262 C CA . GLN A 1 262 ? 18.241  -0.194  -9.083  1.00 0.00 ? 262 GLN A CA 1 
ATOM 263 C CA . HIS A 1 263 ? 16.326  -3.003  -9.063  1.00 0.00 ? 263 HIS A CA 1 
ATOM 264 C CA . GLU A 1 264 ? 17.465  -5.971  -7.747  1.00 0.00 ? 264 GLU A CA 1 
ATOM 265 C CA . GLY A 1 265 ? 17.703  -8.260  -10.110 1.00 0.00 ? 265 GLY A CA 1 
ATOM 266 C CA . LEU A 1 266 ? 20.047  -7.486  -12.816 1.00 0.00 ? 266 LEU A CA 1 
ATOM 267 C CA . PRO A 1 267 ? 23.379  -5.702  -12.086 1.00 0.00 ? 267 PRO A CA 1 
ATOM 268 C CA . LYS A 1 268 ? 22.780  -3.186  -12.776 1.00 0.00 ? 268 LYS A CA 1 
ATOM 269 C CA . PRO A 1 269 ? 22.254  -0.124  -15.264 1.00 0.00 ? 269 PRO A CA 1 
ATOM 270 C CA . LEU A 1 270 ? 24.252  2.150   -16.805 1.00 0.00 ? 270 LEU A CA 1 
ATOM 271 C CA . ILE B 2 1   ? -6.134  14.099  11.037  1.00 0.00 ? 1   ILE M CA 1 
ATOM 272 C CA . GLN B 2 2   ? -6.427  14.734  7.533   1.00 0.00 ? 2   GLN M CA 1 
ATOM 273 C CA . ARG B 2 3   ? -4.510  14.590  4.750   1.00 0.00 ? 3   ARG M CA 1 
ATOM 274 C CA . THR B 2 4   ? -5.231  15.196  1.297   1.00 0.00 ? 4   THR M CA 1 
ATOM 275 C CA . PRO B 2 5   ? -4.458  12.517  -1.164  1.00 0.00 ? 5   PRO M CA 1 
ATOM 276 C CA . LYS B 2 6   ? -2.974  11.418  -4.078  1.00 0.00 ? 6   LYS M CA 1 
ATOM 277 C CA . ILE B 2 7   ? -4.330  10.584  -7.269  1.00 0.00 ? 7   ILE M CA 1 
ATOM 278 C CA . GLN B 2 8   ? -2.469  8.756   -9.919  1.00 0.00 ? 8   GLN M CA 1 
ATOM 279 C CA . VAL B 2 9   ? -3.225  6.908   -13.029 1.00 0.00 ? 9   VAL M CA 1 
ATOM 280 C CA . TYR B 2 10  ? -2.061  3.994   -14.620 1.00 0.00 ? 10  TYR M CA 1 
ATOM 281 C CA . SER B 2 11  ? -1.904  1.708   -17.854 1.00 0.00 ? 11  SER M CA 1 
ATOM 282 C CA . ARG B 2 12  ? -1.217  -2.330  -19.528 1.00 0.00 ? 12  ARG M CA 1 
ATOM 283 C CA . HIS B 2 13  ? 0.063   -0.086  -22.020 1.00 0.00 ? 13  HIS M CA 1 
ATOM 284 C CA . PRO B 2 14  ? -1.104  1.427   -25.285 1.00 0.00 ? 14  PRO M CA 1 
ATOM 285 C CA . ALA B 2 15  ? -0.710  -0.238  -28.420 1.00 0.00 ? 15  ALA M CA 1 
ATOM 286 C CA . GLU B 2 16  ? -3.902  1.932   -29.492 1.00 0.00 ? 16  GLU M CA 1 
ATOM 287 C CA . ASN B 2 17  ? -7.480  1.187   -29.994 1.00 0.00 ? 17  ASN M CA 1 
ATOM 288 C CA . GLY B 2 18  ? -7.789  -2.063  -30.365 1.00 0.00 ? 18  GLY M CA 1 
ATOM 289 C CA . LYS B 2 19  ? -7.007  -2.799  -27.573 1.00 0.00 ? 19  LYS M CA 1 
ATOM 290 C CA . SER B 2 20  ? -8.352  -4.359  -23.947 1.00 0.00 ? 20  SER M CA 1 
ATOM 291 C CA . ASN B 2 21  ? -6.237  -2.811  -21.194 1.00 0.00 ? 21  ASN M CA 1 
ATOM 292 C CA . PHE B 2 22  ? -6.911  -2.042  -17.980 1.00 0.00 ? 22  PHE M CA 1 
ATOM 293 C CA . LEU B 2 23  ? -6.689  1.768   -16.508 1.00 0.00 ? 23  LEU M CA 1 
ATOM 294 C CA . ASN B 2 24  ? -6.768  2.706   -12.815 1.00 0.00 ? 24  ASN M CA 1 
ATOM 295 C CA . CYS B 2 25  ? -6.581  5.586   -10.451 1.00 0.00 ? 25  CYS M CA 1 
ATOM 296 C CA . TYR B 2 26  ? -4.159  5.143   -7.396  1.00 0.00 ? 26  TYR M CA 1 
ATOM 297 C CA . VAL B 2 27  ? -5.052  7.021   -4.180  1.00 0.00 ? 27  VAL M CA 1 
ATOM 298 C CA . SER B 2 28  ? -2.902  7.992   -1.119  1.00 0.00 ? 28  SER M CA 1 
ATOM 299 C CA . GLY B 2 29  ? -2.024  9.992   1.809   1.00 0.00 ? 29  GLY M CA 1 
ATOM 300 C CA . PHE B 2 30  ? -5.469  9.935   2.361   1.00 0.00 ? 30  PHE M CA 1 
ATOM 301 C CA . HIS B 2 31  ? -6.771  9.807   5.791   1.00 0.00 ? 31  HIS M CA 1 
ATOM 302 C CA . PRO B 2 32  ? -10.088 9.706   6.895   1.00 0.00 ? 32  PRO M CA 1 
ATOM 303 C CA . SER B 2 33  ? -9.763  6.113   6.226   1.00 0.00 ? 33  SER M CA 1 
ATOM 304 C CA . ASP B 2 34  ? -12.746 6.461   3.750   1.00 0.00 ? 34  ASP M CA 1 
ATOM 305 C CA . ILE B 2 35  ? -12.354 8.203   0.362   1.00 0.00 ? 35  ILE M CA 1 
ATOM 306 C CA . GLU B 2 36  ? -15.035 8.144   -2.399  1.00 0.00 ? 36  GLU M CA 1 
ATOM 307 C CA . VAL B 2 37  ? -13.105 6.963   -5.812  1.00 0.00 ? 37  VAL M CA 1 
ATOM 308 C CA . ASP B 2 38  ? -15.603 6.238   -8.796  1.00 0.00 ? 38  ASP M CA 1 
ATOM 309 C CA . LEU B 2 39  ? -14.024 6.315   -12.655 1.00 0.00 ? 39  LEU M CA 1 
ATOM 310 C CA . LEU B 2 40  ? -15.648 7.973   -15.694 1.00 0.00 ? 40  LEU M CA 1 
ATOM 311 C CA . LYS B 2 41  ? -15.609 7.421   -19.704 1.00 0.00 ? 41  LYS M CA 1 
ATOM 312 C CA . ASN B 2 42  ? -16.755 10.454  -21.438 1.00 0.00 ? 42  ASN M CA 1 
ATOM 313 C CA . GLY B 2 43  ? -17.171 12.420  -18.624 1.00 0.00 ? 43  GLY M CA 1 
ATOM 314 C CA . GLU B 2 44  ? -19.827 10.258  -17.069 1.00 0.00 ? 44  GLU M CA 1 
ATOM 315 C CA . ARG B 2 45  ? -19.933 6.358   -15.437 1.00 0.00 ? 45  ARG M CA 1 
ATOM 316 C CA . ILE B 2 46  ? -18.623 2.813   -15.514 1.00 0.00 ? 46  ILE M CA 1 
ATOM 317 C CA . GLU B 2 47  ? -18.990 -0.047  -13.204 1.00 0.00 ? 47  GLU M CA 1 
ATOM 318 C CA . LYS B 2 48  ? -16.464 -2.845  -13.241 1.00 0.00 ? 48  LYS M CA 1 
ATOM 319 C CA . VAL B 2 49  ? -14.671 -0.935  -11.054 1.00 0.00 ? 49  VAL M CA 1 
ATOM 320 C CA . GLU B 2 50  ? -12.768 -3.172  -8.814  1.00 0.00 ? 50  GLU M CA 1 
ATOM 321 C CA . HIS B 2 51  ? -11.387 -1.520  -5.659  1.00 0.00 ? 51  HIS M CA 1 
ATOM 322 C CA . SER B 2 52  ? -8.712  -3.060  -3.800  1.00 0.00 ? 52  SER M CA 1 
ATOM 323 C CA . ASP B 2 53  ? -8.351  -3.488  -0.381  1.00 0.00 ? 53  ASP M CA 1 
ATOM 324 C CA . LEU B 2 54  ? -7.378  -0.744  2.255   1.00 0.00 ? 54  LEU M CA 1 
ATOM 325 C CA . SER B 2 55  ? -3.865  -0.179  2.554   1.00 0.00 ? 55  SER M CA 1 
ATOM 326 C CA . PHE B 2 56  ? -1.572  1.304   4.916   1.00 0.00 ? 56  PHE M CA 1 
ATOM 327 C CA . SER B 2 57  ? 1.772   3.184   4.190   1.00 0.00 ? 57  SER M CA 1 
ATOM 328 C CA . LYS B 2 58  ? 4.394   4.645   6.756   1.00 0.00 ? 58  LYS M CA 1 
ATOM 329 C CA . ASP B 2 59  ? 2.439   7.434   7.228   1.00 0.00 ? 59  ASP M CA 1 
ATOM 330 C CA . TRP B 2 60  ? -0.344  5.309   8.154   1.00 0.00 ? 60  TRP M CA 1 
ATOM 331 C CA . SER B 2 61  ? -1.981  7.088   5.170   1.00 0.00 ? 61  SER M CA 1 
ATOM 332 C CA . PHE B 2 62  ? -3.911  4.605   3.015   1.00 0.00 ? 62  PHE M CA 1 
ATOM 333 C CA . TYR B 2 63  ? -3.618  3.334   -0.593  1.00 0.00 ? 63  TYR M CA 1 
ATOM 334 C CA . LEU B 2 64  ? -6.261  1.811   -2.618  1.00 0.00 ? 64  LEU M CA 1 
ATOM 335 C CA . LEU B 2 65  ? -6.339  0.883   -6.169  1.00 0.00 ? 65  LEU M CA 1 
ATOM 336 C CA . TYR B 2 66  ? -9.577  1.424   -7.932  1.00 0.00 ? 66  TYR M CA 1 
ATOM 337 C CA . TYR B 2 67  ? -9.429  -0.581  -11.489 1.00 0.00 ? 67  TYR M CA 1 
ATOM 338 C CA . THR B 2 68  ? -11.832 -1.462  -14.657 1.00 0.00 ? 68  THR M CA 1 
ATOM 339 C CA . GLU B 2 69  ? -11.261 -2.726  -18.727 1.00 0.00 ? 69  GLU M CA 1 
ATOM 340 C CA . PHE B 2 70  ? -10.643 -1.463  -21.521 1.00 0.00 ? 70  PHE M CA 1 
ATOM 341 C CA . THR B 2 71  ? -10.574 -1.136  -25.148 1.00 0.00 ? 71  THR M CA 1 
ATOM 342 C CA . PRO B 2 72  ? -9.020  2.360   -25.654 1.00 0.00 ? 72  PRO M CA 1 
ATOM 343 C CA . THR B 2 73  ? -9.851  4.477   -28.592 1.00 0.00 ? 73  THR M CA 1 
ATOM 344 C CA . GLU B 2 74  ? -9.713  7.993   -29.923 1.00 0.00 ? 74  GLU M CA 1 
ATOM 345 C CA . LYS B 2 75  ? -12.421 10.248  -28.478 1.00 0.00 ? 75  LYS M CA 1 
ATOM 346 C CA . ASP B 2 76  ? -13.698 8.259   -25.512 1.00 0.00 ? 76  ASP M CA 1 
ATOM 347 C CA . GLU B 2 77  ? -11.716 9.757   -22.686 1.00 0.00 ? 77  GLU M CA 1 
ATOM 348 C CA . TYR B 2 78  ? -11.019 9.011   -19.324 1.00 0.00 ? 78  TYR M CA 1 
ATOM 349 C CA . ALA B 2 79  ? -10.982 10.123  -15.551 1.00 0.00 ? 79  ALA M CA 1 
ATOM 350 C CA . CYS B 2 80  ? -11.339 9.288   -11.765 1.00 0.00 ? 80  CYS M CA 1 
ATOM 351 C CA . ARG B 2 81  ? -13.384 11.498  -9.432  1.00 0.00 ? 81  ARG M CA 1 
ATOM 352 C CA . VAL B 2 82  ? -13.029 11.719  -6.015  1.00 0.00 ? 82  VAL M CA 1 
ATOM 353 C CA . ASN B 2 83  ? -13.744 13.393  -3.237  1.00 0.00 ? 83  ASN M CA 1 
ATOM 354 C CA . HIS B 2 84  ? -13.372 13.191  -0.093  1.00 0.00 ? 84  HIS M CA 1 
ATOM 355 C CA . VAL B 2 85  ? -13.640 15.306  2.213   1.00 0.00 ? 85  VAL M CA 1 
ATOM 356 C CA . THR B 2 86  ? -11.614 17.689  1.792   1.00 0.00 ? 86  THR M CA 1 
ATOM 357 C CA . LEU B 2 87  ? -11.470 18.709  -1.129  1.00 0.00 ? 87  LEU M CA 1 
ATOM 358 C CA . SER B 2 88  ? -13.731 20.798  -1.830  1.00 0.00 ? 88  SER M CA 1 
ATOM 359 C CA . GLN B 2 89  ? -15.262 20.029  -3.282  1.00 0.00 ? 89  GLN M CA 1 
ATOM 360 C CA . PRO B 2 90  ? -14.323 17.882  -5.855  1.00 0.00 ? 90  PRO M CA 1 
ATOM 361 C CA . LYS B 2 91  ? -12.423 15.984  -7.555  1.00 0.00 ? 91  LYS M CA 1 
ATOM 362 C CA . ILE B 2 92  ? -11.218 15.335  -11.364 1.00 0.00 ? 92  ILE M CA 1 
ATOM 363 C CA . VAL B 2 93  ? -8.027  14.156  -13.641 1.00 0.00 ? 93  VAL M CA 1 
ATOM 364 C CA . LYS B 2 94  ? -7.287  13.210  -16.699 1.00 0.00 ? 94  LYS M CA 1 
ATOM 365 C CA . TRP B 2 95  ? -5.493  10.577  -18.878 1.00 0.00 ? 95  TRP M CA 1 
ATOM 366 C CA . ASP B 2 96  ? -2.094  10.235  -20.756 1.00 0.00 ? 96  ASP M CA 1 
ATOM 367 C CA . ARG B 2 97  ? 1.611   9.485   -21.793 1.00 0.00 ? 97  ARG M CA 1 
# 
